data_3DGA
#
_entry.id   3DGA
#
_cell.length_a   57.377
_cell.length_b   156.015
_cell.length_c   164.567
_cell.angle_alpha   90.00
_cell.angle_beta   90.00
_cell.angle_gamma   90.00
#
_symmetry.space_group_name_H-M   'P 21 21 21'
#
loop_
_entity.id
_entity.type
_entity.pdbx_description
1 polymer 'Bifunctional dihydrofolate reductase-thymidylate synthase'
2 polymer 'Bifunctional dihydrofolate reductase-thymidylate synthase'
3 non-polymer 'N-[2-chloro-5-(trifluoromethyl)phenyl]imidodicarbonimidic diamide'
4 non-polymer 'NADPH DIHYDRO-NICOTINAMIDE-ADENINE-DINUCLEOTIDE PHOSPHATE'
5 non-polymer "2'-DEOXYURIDINE 5'-MONOPHOSPHATE"
6 water water
#
loop_
_entity_poly.entity_id
_entity_poly.type
_entity_poly.pdbx_seq_one_letter_code
_entity_poly.pdbx_strand_id
1 'polypeptide(L)'
;MMEQVCDVFDIYAICACCKVESKNEGKKNEVFNNYTFRGLGNKGVLPWKCNSLDMKYFCAVTTYVNESKYEKLKYKRCKY
LNKETVDNVNDMPNSKKLQNVVVMGRTSWESIPKKFKPLSNRINVILSRTLKKEDFDEDVYIINKVEDLIVLLGKLNYYK
CFIIGGSVVYQEFLEKKLIKKIYFTRINSTYECDVFFPEINENEYQIISVSDVYTSNNTTLDFIIYKKTNNKMLNEQNCI
KGEEKNNDMPLKNDDKDTCHMKKLTEFYKNVDKYKINYEN
;
A,B
2 'polypeptide(L)'
;DDDDEEEDDFVYFNFNKEKEEKNKNSIHPNDFQIYNSLKYKYHPEYQYLNIIYDIMMNGNKQSDRTGVGVLSKFGYIMKF
DLSQYFPLLTTKKLFLRGIIEELLWFIRGETNGNTLLNKNVRIWEANGTREFLDNRKLFHREVNDLGPIYGFQWRHFGAE
YTNMYDNYENKGVDQLKNIINLIKNDPTSRRILLCAWNVKDLDQMALPPCHILCQFYVFDGKLSCIMYQRSCDLGLGVPF
NIASYSIFTHMIAQVCNLQPAQFIHVLGNAHVYNNHIDSLKIQLNRIPYPFPTLKLNPDIKNIEDFTISDFTIQNYVHHE
KISMDMAA
;
C,D
#
# COMPACT_ATOMS: atom_id res chain seq x y z
N MET A 1 -28.64 -28.82 9.42
CA MET A 1 -30.00 -28.22 9.41
C MET A 1 -30.67 -28.30 8.03
N MET A 2 -31.98 -28.05 8.00
CA MET A 2 -32.77 -28.09 6.77
C MET A 2 -32.23 -27.22 5.64
N GLU A 3 -31.29 -27.78 4.88
CA GLU A 3 -30.66 -27.06 3.76
C GLU A 3 -31.66 -26.32 2.91
N GLN A 4 -31.32 -25.10 2.51
CA GLN A 4 -32.20 -24.31 1.66
C GLN A 4 -31.97 -24.58 0.18
N VAL A 5 -33.06 -24.64 -0.56
CA VAL A 5 -33.00 -24.92 -1.99
C VAL A 5 -32.00 -24.04 -2.72
N CYS A 6 -32.02 -22.73 -2.45
CA CYS A 6 -31.11 -21.82 -3.11
C CYS A 6 -29.64 -22.16 -2.79
N ASP A 7 -29.42 -22.77 -1.63
CA ASP A 7 -28.07 -23.14 -1.23
C ASP A 7 -27.64 -24.42 -1.92
N VAL A 8 -28.53 -25.41 -1.93
CA VAL A 8 -28.18 -26.68 -2.57
C VAL A 8 -27.98 -26.48 -4.06
N PHE A 9 -28.87 -25.72 -4.68
CA PHE A 9 -28.79 -25.50 -6.10
C PHE A 9 -28.13 -24.19 -6.53
N ASP A 10 -27.41 -23.56 -5.60
CA ASP A 10 -26.73 -22.31 -5.89
C ASP A 10 -27.52 -21.45 -6.89
N ILE A 11 -28.59 -20.85 -6.40
CA ILE A 11 -29.43 -20.01 -7.22
C ILE A 11 -29.24 -18.56 -6.82
N TYR A 12 -28.69 -17.75 -7.73
CA TYR A 12 -28.44 -16.34 -7.45
C TYR A 12 -29.26 -15.50 -8.41
N ALA A 13 -29.23 -14.18 -8.19
CA ALA A 13 -29.93 -13.23 -9.05
C ALA A 13 -28.91 -12.18 -9.45
N ILE A 14 -29.10 -11.56 -10.62
CA ILE A 14 -28.18 -10.53 -11.07
C ILE A 14 -28.97 -9.52 -11.86
N CYS A 15 -28.77 -8.25 -11.57
CA CYS A 15 -29.52 -7.21 -12.26
C CYS A 15 -28.77 -5.89 -12.32
N ALA A 16 -29.40 -4.92 -12.95
CA ALA A 16 -28.81 -3.58 -13.08
C ALA A 16 -29.94 -2.57 -12.93
N CYS A 17 -29.87 -1.75 -11.88
CA CYS A 17 -30.91 -0.75 -11.66
C CYS A 17 -30.39 0.68 -11.73
N CYS A 18 -31.19 1.55 -12.35
CA CYS A 18 -30.83 2.95 -12.49
C CYS A 18 -31.77 3.71 -11.56
N LYS A 19 -31.61 5.03 -11.51
CA LYS A 19 -32.45 5.85 -10.67
C LYS A 19 -33.75 6.24 -11.38
N VAL A 20 -34.87 6.12 -10.67
CA VAL A 20 -36.19 6.42 -11.22
C VAL A 20 -36.52 7.90 -11.28
N GLU A 21 -37.27 8.27 -12.31
CA GLU A 21 -37.69 9.66 -12.49
C GLU A 21 -38.83 10.02 -11.54
N SER A 22 -38.51 10.22 -10.27
CA SER A 22 -39.54 10.62 -9.33
C SER A 22 -39.59 12.15 -9.45
N LYS A 23 -40.42 12.61 -10.39
CA LYS A 23 -40.57 14.03 -10.68
C LYS A 23 -40.73 14.90 -9.42
N ASN A 24 -39.77 15.81 -9.32
CA ASN A 24 -39.57 16.82 -8.28
C ASN A 24 -39.19 16.48 -6.85
N GLU A 25 -38.78 15.25 -6.59
CA GLU A 25 -38.27 15.00 -5.26
C GLU A 25 -36.81 15.26 -5.65
N GLY A 26 -36.61 15.25 -6.97
CA GLY A 26 -35.34 15.45 -7.67
C GLY A 26 -34.33 16.53 -7.32
N LYS A 27 -34.75 17.69 -6.80
CA LYS A 27 -33.78 18.72 -6.44
C LYS A 27 -33.37 18.49 -4.98
N LYS A 28 -32.38 19.24 -4.50
CA LYS A 28 -31.88 19.00 -3.15
C LYS A 28 -32.90 18.77 -2.02
N ASN A 29 -32.37 18.36 -0.86
CA ASN A 29 -33.17 18.04 0.32
C ASN A 29 -33.87 16.73 0.02
N GLU A 30 -33.34 16.05 -0.99
CA GLU A 30 -33.85 14.74 -1.40
C GLU A 30 -33.11 13.68 -0.57
N VAL A 31 -33.86 12.69 -0.12
CA VAL A 31 -33.27 11.61 0.66
C VAL A 31 -32.91 10.46 -0.25
N PHE A 32 -31.78 9.82 0.03
CA PHE A 32 -31.31 8.69 -0.78
C PHE A 32 -31.17 7.44 0.07
N ASN A 33 -31.35 6.29 -0.57
CA ASN A 33 -31.20 5.00 0.09
C ASN A 33 -31.00 3.92 -0.97
N ASN A 34 -30.77 2.67 -0.55
CA ASN A 34 -30.53 1.61 -1.53
C ASN A 34 -31.65 1.49 -2.54
N TYR A 35 -32.86 1.89 -2.17
CA TYR A 35 -33.99 1.81 -3.10
C TYR A 35 -33.97 2.95 -4.13
N THR A 36 -32.95 3.80 -4.08
CA THR A 36 -32.81 4.91 -5.02
C THR A 36 -32.56 4.29 -6.40
N PHE A 37 -31.92 3.12 -6.38
CA PHE A 37 -31.60 2.38 -7.59
C PHE A 37 -32.61 1.25 -7.70
N ARG A 38 -33.63 1.44 -8.54
CA ARG A 38 -34.66 0.42 -8.70
C ARG A 38 -35.20 0.32 -10.13
N GLY A 39 -34.82 1.27 -10.99
CA GLY A 39 -35.30 1.25 -12.37
C GLY A 39 -34.70 0.09 -13.16
N LEU A 40 -35.54 -0.85 -13.57
CA LEU A 40 -35.09 -2.03 -14.33
C LEU A 40 -35.33 -1.94 -15.82
N GLY A 41 -36.54 -1.59 -16.21
CA GLY A 41 -36.83 -1.51 -17.63
C GLY A 41 -37.88 -0.48 -17.99
N ASN A 42 -37.97 -0.20 -19.29
CA ASN A 42 -38.92 0.75 -19.81
C ASN A 42 -39.27 0.33 -21.23
N LYS A 43 -40.56 0.22 -21.50
CA LYS A 43 -41.03 -0.14 -22.82
C LYS A 43 -40.43 -1.47 -23.31
N GLY A 44 -40.50 -2.48 -22.45
CA GLY A 44 -39.99 -3.80 -22.79
C GLY A 44 -38.52 -3.88 -23.11
N VAL A 45 -37.77 -2.83 -22.75
CA VAL A 45 -36.34 -2.80 -22.99
C VAL A 45 -35.67 -2.09 -21.83
N LEU A 46 -34.36 -1.88 -21.91
CA LEU A 46 -33.63 -1.21 -20.84
C LEU A 46 -33.84 0.31 -20.83
N PRO A 47 -33.97 0.91 -19.63
CA PRO A 47 -34.20 2.35 -19.47
C PRO A 47 -33.07 3.07 -20.17
N TRP A 48 -31.87 2.91 -19.62
CA TRP A 48 -30.70 3.47 -20.25
C TRP A 48 -30.61 2.54 -21.43
N LYS A 49 -29.78 2.92 -22.37
CA LYS A 49 -29.62 2.15 -23.58
C LYS A 49 -28.96 0.80 -23.32
N CYS A 50 -27.64 0.76 -23.51
CA CYS A 50 -26.88 -0.44 -23.26
C CYS A 50 -25.68 0.06 -22.51
N ASN A 51 -25.14 -0.76 -21.63
CA ASN A 51 -23.97 -0.34 -20.91
C ASN A 51 -22.90 -1.41 -21.11
N SER A 52 -21.94 -1.08 -21.96
CA SER A 52 -20.86 -1.99 -22.28
C SER A 52 -20.23 -2.66 -21.07
N LEU A 53 -19.73 -1.85 -20.15
CA LEU A 53 -19.10 -2.40 -18.96
C LEU A 53 -20.09 -3.29 -18.19
N ASP A 54 -21.33 -2.82 -18.03
CA ASP A 54 -22.29 -3.63 -17.32
C ASP A 54 -22.48 -4.99 -17.99
N MET A 55 -22.36 -4.99 -19.31
CA MET A 55 -22.53 -6.20 -20.10
C MET A 55 -21.35 -7.12 -19.90
N LYS A 56 -20.16 -6.52 -19.97
CA LYS A 56 -18.95 -7.30 -19.80
C LYS A 56 -19.05 -8.03 -18.47
N TYR A 57 -19.56 -7.30 -17.47
CA TYR A 57 -19.75 -7.83 -16.13
C TYR A 57 -20.78 -8.96 -16.14
N PHE A 58 -21.93 -8.70 -16.76
CA PHE A 58 -22.98 -9.70 -16.85
C PHE A 58 -22.48 -11.02 -17.44
N CYS A 59 -21.85 -10.95 -18.62
CA CYS A 59 -21.32 -12.15 -19.26
C CYS A 59 -20.25 -12.82 -18.40
N ALA A 60 -19.36 -12.02 -17.83
CA ALA A 60 -18.31 -12.55 -17.00
C ALA A 60 -18.87 -13.39 -15.85
N VAL A 61 -19.82 -12.83 -15.11
CA VAL A 61 -20.41 -13.56 -13.99
C VAL A 61 -21.19 -14.80 -14.39
N THR A 62 -22.15 -14.61 -15.29
CA THR A 62 -23.02 -15.70 -15.72
C THR A 62 -22.42 -16.81 -16.58
N THR A 63 -21.18 -16.68 -17.02
CA THR A 63 -20.56 -17.73 -17.82
C THR A 63 -19.39 -18.37 -17.11
N TYR A 64 -18.85 -17.68 -16.10
CA TYR A 64 -17.70 -18.18 -15.34
C TYR A 64 -18.03 -19.44 -14.56
N VAL A 65 -17.19 -20.45 -14.71
CA VAL A 65 -17.37 -21.72 -14.03
C VAL A 65 -16.05 -22.18 -13.46
N ASN A 66 -16.12 -23.00 -12.42
CA ASN A 66 -14.94 -23.54 -11.76
C ASN A 66 -15.08 -25.05 -11.71
N GLU A 67 -14.52 -25.73 -12.69
CA GLU A 67 -14.59 -27.19 -12.77
C GLU A 67 -14.17 -27.92 -11.52
N SER A 68 -13.08 -27.48 -10.89
CA SER A 68 -12.59 -28.14 -9.69
C SER A 68 -13.58 -28.11 -8.53
N LYS A 69 -14.65 -27.32 -8.66
CA LYS A 69 -15.63 -27.22 -7.58
C LYS A 69 -16.91 -28.03 -7.82
N TYR A 70 -17.05 -28.60 -9.00
CA TYR A 70 -18.27 -29.35 -9.29
C TYR A 70 -18.48 -30.56 -8.40
N GLU A 71 -17.52 -31.50 -8.41
CA GLU A 71 -17.62 -32.72 -7.60
C GLU A 71 -18.25 -32.42 -6.26
N LYS A 72 -17.81 -31.33 -5.63
CA LYS A 72 -18.35 -30.94 -4.35
C LYS A 72 -19.83 -30.59 -4.48
N LEU A 73 -20.16 -29.87 -5.55
CA LEU A 73 -21.55 -29.47 -5.82
C LEU A 73 -22.42 -30.67 -6.17
N LYS A 74 -21.88 -31.58 -6.98
CA LYS A 74 -22.62 -32.78 -7.38
C LYS A 74 -23.00 -33.54 -6.11
N TYR A 75 -21.99 -33.83 -5.29
CA TYR A 75 -22.21 -34.54 -4.04
C TYR A 75 -23.30 -33.88 -3.19
N LYS A 76 -23.27 -32.55 -3.12
CA LYS A 76 -24.26 -31.80 -2.33
C LYS A 76 -25.68 -32.04 -2.81
N ARG A 77 -25.92 -31.73 -4.08
CA ARG A 77 -27.23 -31.88 -4.69
C ARG A 77 -27.72 -33.32 -4.69
N CYS A 78 -26.79 -34.25 -4.85
CA CYS A 78 -27.16 -35.67 -4.85
C CYS A 78 -27.64 -36.07 -3.45
N LYS A 79 -26.78 -35.88 -2.46
CA LYS A 79 -27.11 -36.21 -1.08
C LYS A 79 -28.47 -35.60 -0.76
N TYR A 80 -28.67 -34.37 -1.20
CA TYR A 80 -29.93 -33.67 -0.96
C TYR A 80 -31.12 -34.42 -1.56
N LEU A 81 -31.00 -34.82 -2.83
CA LEU A 81 -32.06 -35.53 -3.52
C LEU A 81 -32.01 -37.05 -3.31
N ASN A 82 -31.18 -37.48 -2.36
CA ASN A 82 -31.02 -38.89 -2.04
C ASN A 82 -30.49 -39.72 -3.21
N LYS A 83 -29.28 -39.39 -3.64
CA LYS A 83 -28.62 -40.10 -4.73
C LYS A 83 -27.18 -40.38 -4.34
N GLU A 84 -26.34 -40.63 -5.34
CA GLU A 84 -24.93 -40.96 -5.10
C GLU A 84 -24.04 -40.48 -6.24
N LYS A 96 -19.14 -32.53 -22.53
CA LYS A 96 -18.44 -31.84 -21.40
C LYS A 96 -18.62 -30.33 -21.43
N LYS A 97 -17.80 -29.65 -20.64
CA LYS A 97 -17.80 -28.19 -20.49
C LYS A 97 -18.91 -27.72 -19.56
N LEU A 98 -18.59 -27.73 -18.26
CA LEU A 98 -19.53 -27.32 -17.24
C LEU A 98 -20.02 -25.91 -17.56
N GLN A 99 -21.33 -25.72 -17.46
CA GLN A 99 -21.94 -24.41 -17.74
C GLN A 99 -22.85 -23.98 -16.62
N ASN A 100 -23.14 -22.68 -16.61
CA ASN A 100 -24.06 -22.10 -15.63
C ASN A 100 -25.42 -22.12 -16.29
N VAL A 101 -26.45 -21.82 -15.51
CA VAL A 101 -27.80 -21.80 -16.03
C VAL A 101 -28.35 -20.40 -15.83
N VAL A 102 -29.05 -19.89 -16.83
CA VAL A 102 -29.65 -18.58 -16.72
C VAL A 102 -31.13 -18.79 -16.92
N VAL A 103 -31.93 -18.22 -16.02
CA VAL A 103 -33.38 -18.33 -16.05
C VAL A 103 -34.00 -16.95 -16.28
N MET A 104 -34.85 -16.83 -17.28
CA MET A 104 -35.46 -15.53 -17.57
C MET A 104 -36.95 -15.59 -17.90
N GLY A 105 -37.64 -14.47 -17.71
CA GLY A 105 -39.05 -14.39 -18.01
C GLY A 105 -39.19 -14.30 -19.51
N ARG A 106 -40.36 -14.62 -20.05
CA ARG A 106 -40.53 -14.57 -21.49
C ARG A 106 -40.30 -13.18 -22.06
N THR A 107 -40.87 -12.15 -21.43
CA THR A 107 -40.69 -10.79 -21.91
C THR A 107 -39.20 -10.50 -22.04
N SER A 108 -38.45 -10.86 -21.00
CA SER A 108 -37.01 -10.63 -21.01
C SER A 108 -36.35 -11.34 -22.16
N TRP A 109 -36.75 -12.58 -22.43
CA TRP A 109 -36.16 -13.32 -23.53
C TRP A 109 -36.42 -12.67 -24.89
N GLU A 110 -37.59 -12.06 -25.06
CA GLU A 110 -37.90 -11.45 -26.34
C GLU A 110 -37.18 -10.13 -26.54
N SER A 111 -36.89 -9.41 -25.46
CA SER A 111 -36.21 -8.12 -25.56
C SER A 111 -34.74 -8.26 -25.91
N ILE A 112 -34.28 -9.49 -26.08
CA ILE A 112 -32.89 -9.73 -26.44
C ILE A 112 -32.76 -9.86 -27.95
N PRO A 113 -31.82 -9.13 -28.57
CA PRO A 113 -31.63 -9.22 -30.02
C PRO A 113 -31.39 -10.66 -30.44
N LYS A 114 -31.93 -11.06 -31.58
CA LYS A 114 -31.77 -12.43 -32.04
C LYS A 114 -30.32 -12.88 -32.09
N LYS A 115 -29.41 -11.96 -32.37
CA LYS A 115 -27.99 -12.33 -32.47
C LYS A 115 -27.40 -12.87 -31.18
N PHE A 116 -28.08 -12.64 -30.05
CA PHE A 116 -27.58 -13.10 -28.76
C PHE A 116 -28.31 -14.32 -28.23
N LYS A 117 -29.46 -14.61 -28.82
CA LYS A 117 -30.28 -15.74 -28.39
C LYS A 117 -29.83 -17.03 -29.07
N PRO A 118 -29.57 -18.09 -28.28
CA PRO A 118 -29.66 -18.09 -26.81
C PRO A 118 -28.35 -17.59 -26.20
N LEU A 119 -28.39 -17.06 -24.98
CA LEU A 119 -27.16 -16.54 -24.39
C LEU A 119 -26.05 -17.59 -24.47
N SER A 120 -24.92 -17.21 -25.07
CA SER A 120 -23.80 -18.12 -25.29
C SER A 120 -23.12 -18.76 -24.08
N ASN A 121 -22.75 -20.03 -24.24
CA ASN A 121 -22.07 -20.78 -23.19
C ASN A 121 -22.90 -20.84 -21.92
N ARG A 122 -24.21 -20.84 -22.08
CA ARG A 122 -25.12 -20.89 -20.95
C ARG A 122 -26.37 -21.71 -21.24
N ILE A 123 -26.83 -22.46 -20.24
CA ILE A 123 -28.03 -23.25 -20.38
C ILE A 123 -29.16 -22.26 -20.17
N ASN A 124 -29.86 -21.94 -21.24
CA ASN A 124 -30.98 -20.99 -21.18
C ASN A 124 -32.32 -21.60 -20.76
N VAL A 125 -32.95 -21.02 -19.74
CA VAL A 125 -34.25 -21.50 -19.27
C VAL A 125 -35.24 -20.33 -19.30
N ILE A 126 -36.35 -20.50 -20.02
CA ILE A 126 -37.34 -19.45 -20.11
C ILE A 126 -38.61 -19.81 -19.35
N LEU A 127 -39.14 -18.85 -18.60
CA LEU A 127 -40.39 -19.05 -17.87
C LEU A 127 -41.51 -18.47 -18.72
N SER A 128 -42.55 -19.28 -18.97
CA SER A 128 -43.69 -18.84 -19.77
C SER A 128 -44.94 -19.69 -19.62
N ARG A 129 -46.10 -19.06 -19.83
CA ARG A 129 -47.37 -19.74 -19.78
C ARG A 129 -48.01 -19.63 -21.16
N THR A 130 -47.70 -18.57 -21.90
CA THR A 130 -48.29 -18.41 -23.23
C THR A 130 -47.49 -19.16 -24.30
N LEU A 131 -46.22 -19.45 -24.03
CA LEU A 131 -45.42 -20.17 -25.02
C LEU A 131 -44.93 -21.52 -24.54
N LYS A 132 -44.80 -22.45 -25.49
CA LYS A 132 -44.34 -23.80 -25.22
C LYS A 132 -43.13 -24.05 -26.11
N LYS A 133 -42.39 -25.13 -25.86
CA LYS A 133 -41.20 -25.40 -26.66
C LYS A 133 -41.38 -25.33 -28.18
N GLU A 134 -42.57 -25.65 -28.68
CA GLU A 134 -42.82 -25.61 -30.12
C GLU A 134 -42.79 -24.21 -30.71
N ASP A 135 -42.92 -23.20 -29.86
CA ASP A 135 -42.90 -21.82 -30.32
C ASP A 135 -41.48 -21.24 -30.41
N PHE A 136 -40.49 -21.98 -29.94
CA PHE A 136 -39.11 -21.49 -30.01
C PHE A 136 -38.28 -22.35 -30.95
N ASP A 137 -37.37 -21.71 -31.65
CA ASP A 137 -36.49 -22.41 -32.58
C ASP A 137 -35.15 -22.74 -31.89
N GLU A 138 -34.77 -21.91 -30.92
CA GLU A 138 -33.50 -22.07 -30.22
C GLU A 138 -33.35 -23.26 -29.29
N ASP A 139 -32.10 -23.46 -28.88
CA ASP A 139 -31.74 -24.53 -27.98
C ASP A 139 -32.00 -23.99 -26.57
N VAL A 140 -33.24 -24.10 -26.10
CA VAL A 140 -33.60 -23.60 -24.77
C VAL A 140 -34.61 -24.51 -24.04
N TYR A 141 -34.67 -24.35 -22.73
CA TYR A 141 -35.61 -25.11 -21.90
C TYR A 141 -36.75 -24.18 -21.55
N ILE A 142 -37.97 -24.67 -21.65
CA ILE A 142 -39.14 -23.86 -21.30
C ILE A 142 -39.80 -24.47 -20.05
N ILE A 143 -40.27 -23.62 -19.15
CA ILE A 143 -40.95 -24.09 -17.94
C ILE A 143 -42.06 -23.11 -17.59
N ASN A 144 -43.18 -23.64 -17.10
CA ASN A 144 -44.33 -22.82 -16.76
C ASN A 144 -44.57 -22.63 -15.26
N LYS A 145 -43.69 -23.20 -14.45
CA LYS A 145 -43.79 -23.10 -13.00
C LYS A 145 -42.40 -22.95 -12.40
N VAL A 146 -42.30 -22.29 -11.26
CA VAL A 146 -41.02 -22.13 -10.61
C VAL A 146 -40.60 -23.51 -10.09
N GLU A 147 -41.58 -24.27 -9.60
CA GLU A 147 -41.27 -25.60 -9.08
C GLU A 147 -40.57 -26.44 -10.15
N ASP A 148 -40.87 -26.21 -11.42
CA ASP A 148 -40.24 -26.98 -12.49
C ASP A 148 -38.75 -26.69 -12.61
N LEU A 149 -38.36 -25.45 -12.34
CA LEU A 149 -36.95 -25.09 -12.43
C LEU A 149 -36.15 -25.98 -11.50
N ILE A 150 -36.66 -26.15 -10.29
CA ILE A 150 -36.03 -26.98 -9.28
C ILE A 150 -35.85 -28.42 -9.76
N VAL A 151 -36.88 -28.97 -10.39
CA VAL A 151 -36.84 -30.33 -10.90
C VAL A 151 -35.78 -30.40 -11.99
N LEU A 152 -35.79 -29.40 -12.87
CA LEU A 152 -34.83 -29.33 -13.95
C LEU A 152 -33.40 -29.26 -13.40
N LEU A 153 -33.20 -28.40 -12.41
CA LEU A 153 -31.86 -28.24 -11.84
C LEU A 153 -31.41 -29.55 -11.23
N GLY A 154 -32.35 -30.27 -10.63
CA GLY A 154 -32.02 -31.54 -10.02
C GLY A 154 -31.55 -32.55 -11.05
N LYS A 155 -31.98 -32.36 -12.30
CA LYS A 155 -31.63 -33.26 -13.38
C LYS A 155 -30.46 -32.81 -14.24
N LEU A 156 -30.03 -31.56 -14.07
CA LEU A 156 -28.94 -31.06 -14.90
C LEU A 156 -27.56 -31.00 -14.25
N ASN A 157 -26.54 -30.92 -15.09
CA ASN A 157 -25.15 -30.77 -14.66
C ASN A 157 -24.85 -29.31 -14.93
N TYR A 158 -24.53 -28.56 -13.87
CA TYR A 158 -24.20 -27.15 -14.04
C TYR A 158 -23.50 -26.62 -12.80
N TYR A 159 -22.86 -25.47 -12.95
CA TYR A 159 -22.14 -24.84 -11.86
C TYR A 159 -23.13 -24.07 -11.00
N LYS A 160 -23.50 -22.88 -11.46
CA LYS A 160 -24.43 -22.04 -10.72
C LYS A 160 -25.63 -21.62 -11.56
N CYS A 161 -26.74 -21.30 -10.89
CA CYS A 161 -27.97 -20.89 -11.57
C CYS A 161 -28.23 -19.41 -11.30
N PHE A 162 -28.40 -18.64 -12.37
CA PHE A 162 -28.62 -17.20 -12.26
C PHE A 162 -29.98 -16.77 -12.80
N ILE A 163 -30.72 -16.05 -11.97
CA ILE A 163 -32.02 -15.52 -12.37
C ILE A 163 -31.69 -14.16 -12.94
N ILE A 164 -31.68 -14.07 -14.26
CA ILE A 164 -31.38 -12.81 -14.93
C ILE A 164 -32.69 -12.07 -15.03
N GLY A 165 -33.66 -12.65 -14.34
CA GLY A 165 -34.97 -12.09 -14.19
C GLY A 165 -36.04 -11.76 -15.21
N GLY A 166 -36.50 -10.53 -14.98
CA GLY A 166 -37.54 -9.84 -15.71
C GLY A 166 -38.04 -9.32 -14.35
N SER A 167 -38.60 -8.12 -14.24
CA SER A 167 -39.00 -7.67 -12.90
C SER A 167 -39.98 -8.65 -12.23
N VAL A 168 -40.90 -9.18 -13.00
CA VAL A 168 -41.86 -10.12 -12.46
C VAL A 168 -41.14 -11.35 -11.92
N VAL A 169 -40.17 -11.85 -12.66
CA VAL A 169 -39.39 -13.00 -12.24
C VAL A 169 -38.59 -12.69 -10.97
N TYR A 170 -37.84 -11.58 -10.97
CA TYR A 170 -37.06 -11.23 -9.78
C TYR A 170 -37.97 -11.25 -8.56
N GLN A 171 -39.08 -10.54 -8.67
CA GLN A 171 -40.06 -10.42 -7.61
C GLN A 171 -40.48 -11.74 -7.01
N GLU A 172 -40.89 -12.68 -7.84
CA GLU A 172 -41.34 -13.97 -7.32
C GLU A 172 -40.23 -14.85 -6.76
N PHE A 173 -39.02 -14.72 -7.29
CA PHE A 173 -37.92 -15.53 -6.77
C PHE A 173 -37.41 -15.01 -5.44
N LEU A 174 -37.69 -13.75 -5.14
CA LEU A 174 -37.28 -13.18 -3.86
C LEU A 174 -38.28 -13.52 -2.76
N GLU A 175 -39.58 -13.50 -3.08
CA GLU A 175 -40.61 -13.82 -2.10
C GLU A 175 -40.43 -15.22 -1.56
N LYS A 176 -40.22 -16.17 -2.48
CA LYS A 176 -40.06 -17.57 -2.12
C LYS A 176 -38.72 -17.87 -1.47
N LYS A 177 -37.85 -16.86 -1.44
CA LYS A 177 -36.53 -16.99 -0.81
C LYS A 177 -35.59 -17.91 -1.57
N LEU A 178 -35.71 -17.91 -2.89
CA LEU A 178 -34.88 -18.75 -3.73
C LEU A 178 -33.56 -18.11 -4.17
N ILE A 179 -33.23 -16.95 -3.60
CA ILE A 179 -32.00 -16.27 -3.95
C ILE A 179 -30.95 -16.33 -2.85
N LYS A 180 -29.79 -16.90 -3.17
CA LYS A 180 -28.70 -17.02 -2.22
C LYS A 180 -27.90 -15.71 -2.13
N LYS A 181 -27.87 -14.95 -3.23
CA LYS A 181 -27.16 -13.68 -3.29
C LYS A 181 -27.70 -12.85 -4.45
N ILE A 182 -27.53 -11.54 -4.39
CA ILE A 182 -27.98 -10.67 -5.45
C ILE A 182 -26.82 -9.85 -5.98
N TYR A 183 -26.47 -10.07 -7.24
CA TYR A 183 -25.39 -9.30 -7.87
C TYR A 183 -26.14 -8.13 -8.49
N PHE A 184 -26.06 -6.99 -7.79
CA PHE A 184 -26.78 -5.78 -8.15
C PHE A 184 -25.91 -4.67 -8.72
N THR A 185 -26.24 -4.21 -9.91
CA THR A 185 -25.48 -3.12 -10.53
C THR A 185 -26.18 -1.79 -10.35
N ARG A 186 -25.48 -0.83 -9.76
CA ARG A 186 -26.05 0.49 -9.55
C ARG A 186 -25.63 1.45 -10.66
N ILE A 187 -26.55 1.72 -11.58
CA ILE A 187 -26.33 2.65 -12.69
C ILE A 187 -26.60 4.02 -12.07
N ASN A 188 -25.57 4.85 -11.92
CA ASN A 188 -25.79 6.14 -11.28
C ASN A 188 -26.25 7.29 -12.17
N SER A 189 -27.40 7.08 -12.81
CA SER A 189 -28.00 8.08 -13.67
C SER A 189 -29.50 7.80 -13.76
N THR A 190 -30.27 8.78 -14.23
CA THR A 190 -31.72 8.65 -14.28
C THR A 190 -32.36 8.52 -15.66
N TYR A 191 -33.30 7.58 -15.77
CA TYR A 191 -34.01 7.34 -17.04
C TYR A 191 -35.48 7.03 -16.76
N GLU A 192 -36.30 7.10 -17.81
CA GLU A 192 -37.72 6.82 -17.70
C GLU A 192 -37.87 5.31 -17.52
N CYS A 193 -38.73 4.90 -16.59
CA CYS A 193 -38.92 3.47 -16.34
C CYS A 193 -40.38 3.11 -16.09
N ASP A 194 -40.71 1.84 -16.31
CA ASP A 194 -42.07 1.35 -16.08
C ASP A 194 -42.08 0.06 -15.30
N VAL A 195 -40.92 -0.53 -15.06
CA VAL A 195 -40.80 -1.76 -14.27
C VAL A 195 -39.64 -1.56 -13.31
N PHE A 196 -39.74 -2.10 -12.10
CA PHE A 196 -38.69 -1.89 -11.11
C PHE A 196 -38.37 -3.14 -10.36
N PHE A 197 -37.21 -3.15 -9.71
CA PHE A 197 -36.77 -4.27 -8.91
C PHE A 197 -37.47 -4.13 -7.57
N PRO A 198 -37.78 -5.25 -6.90
CA PRO A 198 -38.44 -5.17 -5.60
C PRO A 198 -37.58 -4.45 -4.58
N GLU A 199 -38.21 -3.90 -3.55
CA GLU A 199 -37.45 -3.23 -2.51
C GLU A 199 -36.85 -4.30 -1.62
N ILE A 200 -35.53 -4.45 -1.67
CA ILE A 200 -34.84 -5.45 -0.87
C ILE A 200 -34.99 -5.13 0.63
N ASN A 201 -35.38 -6.14 1.41
CA ASN A 201 -35.54 -5.93 2.85
C ASN A 201 -34.22 -6.02 3.58
N GLU A 202 -33.78 -4.90 4.17
CA GLU A 202 -32.52 -4.80 4.91
C GLU A 202 -32.36 -5.94 5.91
N ASN A 203 -33.42 -6.70 6.18
CA ASN A 203 -33.37 -7.82 7.13
C ASN A 203 -33.20 -9.19 6.50
N GLU A 204 -33.60 -9.33 5.25
CA GLU A 204 -33.46 -10.60 4.57
C GLU A 204 -32.14 -10.63 3.84
N TYR A 205 -31.72 -9.47 3.38
CA TYR A 205 -30.48 -9.30 2.63
C TYR A 205 -29.67 -8.14 3.15
N GLN A 206 -28.34 -8.28 3.08
CA GLN A 206 -27.43 -7.23 3.53
C GLN A 206 -26.22 -7.17 2.61
N ILE A 207 -25.84 -5.97 2.19
CA ILE A 207 -24.69 -5.79 1.32
C ILE A 207 -23.42 -6.31 1.98
N ILE A 208 -22.61 -7.07 1.26
CA ILE A 208 -21.37 -7.57 1.82
C ILE A 208 -20.14 -7.16 1.00
N SER A 209 -20.36 -6.68 -0.22
CA SER A 209 -19.26 -6.26 -1.08
C SER A 209 -19.65 -5.11 -2.01
N VAL A 210 -18.73 -4.19 -2.21
CA VAL A 210 -18.93 -3.05 -3.07
C VAL A 210 -17.67 -2.92 -3.90
N SER A 211 -17.83 -2.91 -5.21
CA SER A 211 -16.71 -2.84 -6.13
C SER A 211 -16.20 -1.44 -6.41
N ASP A 212 -15.24 -1.38 -7.30
CA ASP A 212 -14.63 -0.13 -7.71
C ASP A 212 -15.72 0.60 -8.48
N VAL A 213 -15.51 1.89 -8.72
CA VAL A 213 -16.47 2.71 -9.46
C VAL A 213 -15.93 2.94 -10.86
N TYR A 214 -16.80 2.95 -11.84
CA TYR A 214 -16.36 3.13 -13.22
C TYR A 214 -17.27 4.05 -14.01
N THR A 215 -16.81 4.41 -15.21
CA THR A 215 -17.58 5.22 -16.15
C THR A 215 -17.70 4.40 -17.44
N SER A 216 -18.91 4.35 -17.98
CA SER A 216 -19.17 3.63 -19.22
C SER A 216 -20.42 4.20 -19.82
N ASN A 217 -20.37 4.48 -21.12
CA ASN A 217 -21.52 5.04 -21.81
C ASN A 217 -22.05 6.27 -21.07
N ASN A 218 -21.14 7.17 -20.71
CA ASN A 218 -21.51 8.43 -20.05
C ASN A 218 -22.25 8.37 -18.70
N THR A 219 -21.87 7.43 -17.85
CA THR A 219 -22.49 7.32 -16.54
C THR A 219 -21.60 6.51 -15.61
N THR A 220 -21.59 6.86 -14.33
CA THR A 220 -20.78 6.10 -13.41
C THR A 220 -21.63 4.94 -12.93
N LEU A 221 -20.97 3.90 -12.46
CA LEU A 221 -21.68 2.73 -11.99
C LEU A 221 -20.72 1.89 -11.17
N ASP A 222 -21.29 1.05 -10.30
CA ASP A 222 -20.49 0.14 -9.52
C ASP A 222 -21.32 -1.12 -9.38
N PHE A 223 -20.75 -2.10 -8.67
CA PHE A 223 -21.40 -3.38 -8.47
C PHE A 223 -21.35 -3.73 -6.99
N ILE A 224 -22.49 -4.12 -6.44
CA ILE A 224 -22.55 -4.47 -5.03
C ILE A 224 -23.17 -5.86 -4.91
N ILE A 225 -22.75 -6.61 -3.92
CA ILE A 225 -23.28 -7.95 -3.74
C ILE A 225 -24.13 -8.04 -2.48
N TYR A 226 -25.41 -8.40 -2.63
CA TYR A 226 -26.26 -8.56 -1.46
C TYR A 226 -26.17 -10.03 -1.10
N LYS A 227 -26.37 -10.34 0.18
CA LYS A 227 -26.32 -11.72 0.62
C LYS A 227 -27.45 -11.99 1.58
N LYS A 228 -28.06 -13.16 1.43
CA LYS A 228 -29.17 -13.58 2.27
C LYS A 228 -28.67 -13.81 3.68
N THR A 229 -29.22 -13.06 4.62
CA THR A 229 -28.82 -13.18 6.02
C THR A 229 -29.30 -14.49 6.64
N ASN A 230 -28.67 -14.87 7.75
CA ASN A 230 -29.03 -16.10 8.46
C ASN A 230 -30.28 -15.91 9.33
N MET B 2 9.00 -42.71 -6.45
CA MET B 2 9.78 -41.48 -6.10
C MET B 2 9.16 -40.81 -4.87
N GLU B 3 9.76 -41.06 -3.71
CA GLU B 3 9.29 -40.48 -2.44
C GLU B 3 10.42 -40.36 -1.43
N GLN B 4 10.78 -39.13 -1.06
CA GLN B 4 11.83 -38.94 -0.08
C GLN B 4 11.25 -39.17 1.32
N VAL B 5 12.04 -39.78 2.19
CA VAL B 5 11.63 -40.06 3.56
C VAL B 5 11.30 -38.74 4.25
N CYS B 6 12.12 -37.73 3.97
CA CYS B 6 11.98 -36.40 4.56
C CYS B 6 10.65 -35.74 4.22
N ASP B 7 10.15 -35.98 3.00
CA ASP B 7 8.89 -35.38 2.58
C ASP B 7 7.72 -36.08 3.28
N VAL B 8 7.77 -37.41 3.34
CA VAL B 8 6.72 -38.20 3.98
C VAL B 8 6.57 -37.90 5.46
N PHE B 9 7.66 -38.07 6.20
CA PHE B 9 7.64 -37.84 7.64
C PHE B 9 7.81 -36.37 8.04
N ASP B 10 7.92 -35.49 7.04
CA ASP B 10 8.07 -34.05 7.27
C ASP B 10 9.22 -33.70 8.22
N ILE B 11 10.44 -34.02 7.80
CA ILE B 11 11.62 -33.73 8.60
C ILE B 11 12.27 -32.42 8.16
N TYR B 12 12.24 -31.45 9.06
CA TYR B 12 12.80 -30.14 8.80
C TYR B 12 13.96 -29.85 9.75
N ALA B 13 14.89 -29.01 9.31
CA ALA B 13 16.05 -28.62 10.11
C ALA B 13 15.93 -27.13 10.40
N ILE B 14 16.01 -26.76 11.67
CA ILE B 14 15.92 -25.36 12.06
C ILE B 14 17.21 -24.97 12.77
N CYS B 15 17.73 -23.78 12.48
CA CYS B 15 18.98 -23.34 13.10
C CYS B 15 19.16 -21.83 13.13
N ALA B 16 20.26 -21.41 13.75
CA ALA B 16 20.63 -20.00 13.86
C ALA B 16 22.14 -19.90 13.62
N CYS B 17 22.55 -19.00 12.73
CA CYS B 17 23.98 -18.86 12.45
C CYS B 17 24.44 -17.42 12.43
N CYS B 18 25.68 -17.21 12.86
CA CYS B 18 26.26 -15.87 12.90
C CYS B 18 27.49 -15.82 12.00
N LYS B 19 28.21 -14.72 12.07
CA LYS B 19 29.42 -14.55 11.28
C LYS B 19 30.63 -14.95 12.10
N VAL B 20 31.64 -15.49 11.44
CA VAL B 20 32.84 -15.96 12.13
C VAL B 20 34.05 -15.06 11.97
N GLU B 21 34.84 -14.95 13.03
CA GLU B 21 36.05 -14.15 13.02
C GLU B 21 37.19 -14.97 12.44
N SER B 22 38.00 -14.34 11.59
CA SER B 22 39.14 -15.00 10.96
C SER B 22 40.40 -14.16 11.20
N LYS B 23 41.37 -14.73 11.92
CA LYS B 23 42.61 -14.01 12.22
C LYS B 23 43.37 -13.64 10.94
N ASN B 24 42.79 -13.98 9.79
CA ASN B 24 43.39 -13.69 8.49
C ASN B 24 43.47 -12.19 8.25
N GLU B 25 44.70 -11.70 8.11
CA GLU B 25 45.00 -10.28 7.90
C GLU B 25 44.41 -9.69 6.60
N GLY B 26 44.33 -8.36 6.58
CA GLY B 26 43.81 -7.63 5.43
C GLY B 26 42.69 -8.29 4.64
N LYS B 27 41.47 -8.27 5.19
CA LYS B 27 40.32 -8.84 4.51
C LYS B 27 40.07 -7.96 3.29
N LYS B 28 40.57 -8.40 2.12
CA LYS B 28 40.47 -7.65 0.88
C LYS B 28 39.03 -7.52 0.40
N ASN B 29 38.40 -6.39 0.71
CA ASN B 29 37.01 -6.21 0.32
C ASN B 29 36.35 -7.60 0.39
N GLU B 30 36.13 -8.07 1.61
CA GLU B 30 35.52 -9.38 1.82
C GLU B 30 34.37 -9.66 0.87
N VAL B 31 34.24 -10.93 0.50
CA VAL B 31 33.19 -11.36 -0.39
C VAL B 31 32.14 -12.06 0.46
N PHE B 32 30.87 -11.83 0.14
CA PHE B 32 29.79 -12.46 0.90
C PHE B 32 28.98 -13.45 0.08
N ASN B 33 28.35 -14.39 0.80
CA ASN B 33 27.49 -15.42 0.21
C ASN B 33 26.64 -15.92 1.38
N ASN B 34 25.78 -16.89 1.13
CA ASN B 34 24.93 -17.39 2.21
C ASN B 34 25.75 -18.07 3.29
N TYR B 35 26.93 -18.57 2.92
CA TYR B 35 27.80 -19.26 3.87
C TYR B 35 28.41 -18.29 4.88
N THR B 36 28.35 -17.00 4.58
CA THR B 36 28.88 -15.97 5.48
C THR B 36 28.30 -16.21 6.88
N PHE B 37 27.15 -16.86 6.92
CA PHE B 37 26.49 -17.17 8.17
C PHE B 37 26.68 -18.66 8.44
N ARG B 38 27.59 -18.99 9.35
CA ARG B 38 27.85 -20.39 9.69
C ARG B 38 28.27 -20.61 11.14
N GLY B 39 27.99 -19.66 12.03
CA GLY B 39 28.37 -19.83 13.42
C GLY B 39 27.28 -20.52 14.22
N LEU B 40 27.56 -21.69 14.76
CA LEU B 40 26.59 -22.46 15.54
C LEU B 40 26.79 -22.47 17.04
N GLY B 41 28.00 -22.80 17.49
CA GLY B 41 28.27 -22.84 18.92
C GLY B 41 29.72 -22.63 19.27
N ASN B 42 29.97 -22.34 20.54
CA ASN B 42 31.34 -22.10 20.99
C ASN B 42 31.50 -22.57 22.42
N LYS B 43 32.41 -23.53 22.61
CA LYS B 43 32.72 -24.09 23.92
C LYS B 43 31.50 -24.69 24.59
N GLY B 44 30.81 -25.55 23.85
CA GLY B 44 29.62 -26.22 24.37
C GLY B 44 28.36 -25.38 24.41
N VAL B 45 28.47 -24.10 24.10
CA VAL B 45 27.32 -23.19 24.13
C VAL B 45 27.16 -22.34 22.87
N LEU B 46 26.27 -21.36 22.93
CA LEU B 46 26.01 -20.47 21.79
C LEU B 46 27.05 -19.37 21.60
N PRO B 47 27.42 -19.07 20.34
CA PRO B 47 28.42 -18.03 20.04
C PRO B 47 28.01 -16.72 20.69
N TRP B 48 26.81 -16.26 20.34
CA TRP B 48 26.25 -15.04 20.91
C TRP B 48 25.78 -15.52 22.27
N LYS B 49 25.59 -14.60 23.21
CA LYS B 49 25.17 -15.01 24.53
C LYS B 49 23.73 -15.52 24.49
N CYS B 50 22.81 -14.69 24.01
CA CYS B 50 21.43 -15.11 23.93
C CYS B 50 20.76 -14.30 22.84
N ASN B 51 19.48 -14.58 22.61
CA ASN B 51 18.72 -13.85 21.62
C ASN B 51 17.25 -14.14 21.81
N SER B 52 16.62 -13.34 22.66
CA SER B 52 15.21 -13.49 22.97
C SER B 52 14.33 -13.62 21.73
N LEU B 53 14.71 -12.95 20.65
CA LEU B 53 13.90 -12.99 19.42
C LEU B 53 14.04 -14.31 18.69
N ASP B 54 15.28 -14.73 18.44
CA ASP B 54 15.50 -16.00 17.76
C ASP B 54 14.93 -17.10 18.63
N MET B 55 14.97 -16.86 19.94
CA MET B 55 14.48 -17.79 20.93
C MET B 55 12.96 -17.89 20.86
N LYS B 56 12.31 -16.76 20.64
CA LYS B 56 10.86 -16.71 20.56
C LYS B 56 10.45 -17.44 19.28
N TYR B 57 11.16 -17.16 18.20
CA TYR B 57 10.89 -17.77 16.90
C TYR B 57 10.94 -19.28 17.01
N PHE B 58 12.03 -19.78 17.59
CA PHE B 58 12.24 -21.21 17.78
C PHE B 58 11.03 -21.86 18.44
N CYS B 59 10.65 -21.34 19.61
CA CYS B 59 9.51 -21.87 20.35
C CYS B 59 8.27 -21.94 19.47
N ALA B 60 7.99 -20.87 18.74
CA ALA B 60 6.82 -20.82 17.87
C ALA B 60 6.83 -21.89 16.77
N VAL B 61 7.90 -21.95 15.99
CA VAL B 61 8.01 -22.91 14.91
C VAL B 61 8.01 -24.36 15.39
N THR B 62 8.77 -24.64 16.43
CA THR B 62 8.87 -26.01 16.95
C THR B 62 7.73 -26.49 17.84
N THR B 63 6.74 -25.65 18.15
CA THR B 63 5.63 -26.13 18.98
C THR B 63 4.31 -25.94 18.24
N TYR B 64 4.33 -25.20 17.14
CA TYR B 64 3.11 -24.97 16.37
C TYR B 64 2.64 -26.23 15.68
N VAL B 65 1.34 -26.48 15.79
CA VAL B 65 0.74 -27.67 15.19
C VAL B 65 -0.65 -27.31 14.65
N ASN B 66 -1.02 -27.90 13.52
CA ASN B 66 -2.31 -27.65 12.92
C ASN B 66 -3.07 -28.97 12.85
N GLU B 67 -3.65 -29.36 13.98
CA GLU B 67 -4.40 -30.60 14.09
C GLU B 67 -5.35 -30.92 12.93
N SER B 68 -5.92 -29.90 12.30
CA SER B 68 -6.82 -30.14 11.19
C SER B 68 -6.08 -30.65 9.97
N LYS B 69 -4.78 -30.35 9.90
CA LYS B 69 -3.97 -30.78 8.76
C LYS B 69 -3.28 -32.11 9.03
N TYR B 70 -3.55 -32.71 10.19
CA TYR B 70 -2.93 -33.98 10.55
C TYR B 70 -3.44 -35.22 9.83
N GLU B 71 -4.75 -35.33 9.64
CA GLU B 71 -5.31 -36.49 8.98
C GLU B 71 -4.61 -36.80 7.66
N LYS B 72 -4.32 -35.76 6.88
CA LYS B 72 -3.65 -35.93 5.59
C LYS B 72 -2.28 -36.57 5.79
N LEU B 73 -1.59 -36.14 6.86
CA LEU B 73 -0.25 -36.64 7.18
C LEU B 73 -0.23 -38.10 7.62
N LYS B 74 -1.10 -38.46 8.57
CA LYS B 74 -1.15 -39.84 9.04
C LYS B 74 -1.48 -40.73 7.86
N TYR B 75 -2.50 -40.34 7.10
CA TYR B 75 -2.91 -41.09 5.94
C TYR B 75 -1.70 -41.34 5.04
N LYS B 76 -0.96 -40.27 4.77
CA LYS B 76 0.23 -40.32 3.92
C LYS B 76 1.32 -41.25 4.46
N ARG B 77 1.58 -41.15 5.76
CA ARG B 77 2.61 -41.95 6.41
C ARG B 77 2.28 -43.44 6.50
N CYS B 78 1.05 -43.75 6.90
CA CYS B 78 0.64 -45.14 7.02
C CYS B 78 0.75 -45.84 5.67
N LYS B 79 0.18 -45.24 4.64
CA LYS B 79 0.23 -45.81 3.30
C LYS B 79 1.67 -46.14 2.93
N TYR B 80 2.60 -45.27 3.32
CA TYR B 80 4.02 -45.45 3.05
C TYR B 80 4.60 -46.65 3.80
N LEU B 81 4.15 -46.87 5.04
CA LEU B 81 4.63 -47.97 5.84
C LEU B 81 3.80 -49.23 5.62
N ASN B 82 2.89 -49.16 4.66
CA ASN B 82 2.03 -50.27 4.30
C ASN B 82 1.27 -50.82 5.50
N LYS B 83 0.45 -49.94 6.08
CA LYS B 83 -0.37 -50.28 7.24
C LYS B 83 -1.53 -49.29 7.26
N GLU B 84 -2.69 -49.70 7.78
CA GLU B 84 -3.85 -48.83 7.81
C GLU B 84 -3.90 -47.90 9.01
N THR B 85 -3.21 -48.28 10.08
CA THR B 85 -3.20 -47.46 11.29
C THR B 85 -1.77 -47.30 11.78
N VAL B 86 -1.55 -46.28 12.62
CA VAL B 86 -0.23 -45.99 13.16
C VAL B 86 0.16 -46.84 14.39
N ASP B 87 -0.81 -47.55 14.95
CA ASP B 87 -0.62 -48.36 16.16
C ASP B 87 -0.71 -49.87 15.90
N ASN B 88 -1.93 -50.41 16.09
CA ASN B 88 -2.23 -51.83 15.90
C ASN B 88 -2.19 -52.15 14.39
N SER B 95 -5.62 -40.99 20.98
CA SER B 95 -4.32 -40.27 21.13
C SER B 95 -4.44 -38.99 21.97
N LYS B 96 -3.38 -38.19 21.96
CA LYS B 96 -3.33 -36.99 22.78
C LYS B 96 -3.16 -35.69 21.97
N LYS B 97 -2.55 -34.66 22.58
CA LYS B 97 -2.35 -33.39 21.86
C LYS B 97 -1.29 -33.61 20.79
N LEU B 98 -1.63 -33.34 19.54
CA LEU B 98 -0.66 -33.51 18.49
C LEU B 98 0.48 -32.54 18.77
N GLN B 99 1.69 -33.09 18.83
CA GLN B 99 2.89 -32.29 19.10
C GLN B 99 3.95 -32.54 18.04
N ASN B 100 4.87 -31.60 17.88
CA ASN B 100 5.95 -31.76 16.93
C ASN B 100 7.03 -32.55 17.62
N VAL B 101 7.97 -33.09 16.83
CA VAL B 101 9.06 -33.87 17.38
C VAL B 101 10.33 -33.04 17.26
N VAL B 102 11.22 -33.18 18.24
CA VAL B 102 12.48 -32.44 18.22
C VAL B 102 13.66 -33.40 18.39
N VAL B 103 14.61 -33.35 17.47
CA VAL B 103 15.77 -34.23 17.52
C VAL B 103 17.05 -33.41 17.72
N MET B 104 17.90 -33.85 18.65
CA MET B 104 19.14 -33.16 18.94
C MET B 104 20.26 -34.11 19.35
N GLY B 105 21.50 -33.62 19.35
CA GLY B 105 22.62 -34.43 19.74
C GLY B 105 22.76 -34.37 21.25
N ARG B 106 23.44 -35.36 21.84
CA ARG B 106 23.62 -35.41 23.29
C ARG B 106 24.25 -34.12 23.81
N THR B 107 25.29 -33.67 23.11
CA THR B 107 25.99 -32.45 23.47
C THR B 107 24.98 -31.30 23.55
N SER B 108 24.14 -31.21 22.52
CA SER B 108 23.12 -30.17 22.45
C SER B 108 22.11 -30.34 23.57
N TRP B 109 21.88 -31.58 23.99
CA TRP B 109 20.93 -31.85 25.06
C TRP B 109 21.43 -31.41 26.44
N GLU B 110 22.68 -31.70 26.73
CA GLU B 110 23.27 -31.32 28.02
C GLU B 110 23.35 -29.80 28.16
N SER B 111 23.79 -29.14 27.09
CA SER B 111 23.93 -27.68 27.05
C SER B 111 22.60 -26.98 27.33
N ILE B 112 21.51 -27.73 27.28
CA ILE B 112 20.21 -27.17 27.53
C ILE B 112 20.03 -26.99 29.02
N PRO B 113 19.62 -25.79 29.45
CA PRO B 113 19.41 -25.50 30.87
C PRO B 113 18.35 -26.39 31.52
N LYS B 114 18.71 -26.97 32.66
CA LYS B 114 17.86 -27.87 33.43
C LYS B 114 16.37 -27.54 33.47
N LYS B 115 16.03 -26.40 34.09
CA LYS B 115 14.62 -25.98 34.24
C LYS B 115 13.85 -26.07 32.94
N PHE B 116 14.53 -25.77 31.84
CA PHE B 116 13.90 -25.83 30.55
C PHE B 116 14.22 -27.17 29.92
N LYS B 117 14.50 -28.19 30.75
CA LYS B 117 14.86 -29.46 30.12
C LYS B 117 13.89 -30.09 29.15
N PRO B 118 13.40 -31.39 29.34
CA PRO B 118 12.59 -31.59 28.13
C PRO B 118 11.71 -30.49 27.60
N LEU B 119 12.21 -29.90 26.49
CA LEU B 119 11.58 -28.82 25.78
C LEU B 119 10.08 -29.07 25.81
N SER B 120 9.37 -28.14 26.45
CA SER B 120 7.93 -28.22 26.62
C SER B 120 7.13 -28.49 25.36
N ASN B 121 5.98 -29.13 25.54
CA ASN B 121 5.07 -29.44 24.45
C ASN B 121 5.72 -30.03 23.21
N ARG B 122 6.78 -30.82 23.39
CA ARG B 122 7.47 -31.41 22.26
C ARG B 122 8.00 -32.81 22.53
N ILE B 123 7.84 -33.69 21.56
CA ILE B 123 8.32 -35.06 21.69
C ILE B 123 9.85 -35.03 21.58
N ASN B 124 10.51 -34.97 22.74
CA ASN B 124 11.95 -34.93 22.81
C ASN B 124 12.62 -36.24 22.42
N VAL B 125 13.53 -36.17 21.46
CA VAL B 125 14.27 -37.32 20.95
C VAL B 125 15.75 -36.98 20.92
N ILE B 126 16.57 -37.76 21.62
CA ILE B 126 18.00 -37.51 21.68
C ILE B 126 18.84 -38.54 20.92
N LEU B 127 19.53 -38.09 19.89
CA LEU B 127 20.38 -38.96 19.08
C LEU B 127 21.72 -39.14 19.81
N SER B 128 21.95 -40.33 20.38
CA SER B 128 23.18 -40.59 21.13
C SER B 128 23.64 -42.05 21.10
N ARG B 129 24.93 -42.26 20.84
CA ARG B 129 25.50 -43.59 20.79
C ARG B 129 25.93 -44.12 22.17
N THR B 130 25.88 -43.27 23.19
CA THR B 130 26.28 -43.68 24.53
C THR B 130 25.18 -43.53 25.57
N LEU B 131 24.19 -42.71 25.28
CA LEU B 131 23.08 -42.51 26.21
C LEU B 131 22.27 -43.80 26.34
N LYS B 132 21.74 -44.04 27.53
CA LYS B 132 20.91 -45.22 27.78
C LYS B 132 19.44 -44.83 27.80
N LYS B 133 18.61 -45.71 27.26
CA LYS B 133 17.17 -45.50 27.17
C LYS B 133 16.50 -45.12 28.49
N GLU B 134 17.12 -45.49 29.61
CA GLU B 134 16.51 -45.33 30.93
C GLU B 134 16.59 -44.15 31.91
N ASP B 135 17.74 -43.52 32.06
CA ASP B 135 17.87 -42.44 33.03
C ASP B 135 17.03 -41.20 32.70
N PHE B 136 16.13 -41.38 31.74
CA PHE B 136 15.23 -40.34 31.26
C PHE B 136 13.79 -40.81 31.40
N ASP B 137 12.83 -39.93 31.13
CA ASP B 137 11.42 -40.27 31.24
C ASP B 137 11.01 -41.29 30.18
N GLU B 138 9.70 -41.50 30.07
CA GLU B 138 9.15 -42.41 29.08
C GLU B 138 8.77 -41.51 27.90
N ASP B 139 8.83 -40.20 28.13
CA ASP B 139 8.50 -39.19 27.14
C ASP B 139 9.70 -38.88 26.26
N VAL B 140 10.89 -39.03 26.82
CA VAL B 140 12.12 -38.77 26.09
C VAL B 140 12.54 -40.07 25.41
N TYR B 141 13.01 -39.95 24.17
CA TYR B 141 13.44 -41.12 23.41
C TYR B 141 14.90 -41.01 23.01
N ILE B 142 15.65 -42.08 23.23
CA ILE B 142 17.05 -42.11 22.88
C ILE B 142 17.21 -42.98 21.64
N ILE B 143 18.07 -42.57 20.72
CA ILE B 143 18.30 -43.32 19.49
C ILE B 143 19.77 -43.73 19.39
N ASN B 144 20.04 -44.73 18.56
CA ASN B 144 21.40 -45.24 18.38
C ASN B 144 21.99 -44.81 17.05
N LYS B 145 21.13 -44.66 16.05
CA LYS B 145 21.58 -44.23 14.72
C LYS B 145 20.47 -43.45 14.02
N VAL B 146 20.87 -42.67 13.02
CA VAL B 146 19.92 -41.86 12.28
C VAL B 146 18.77 -42.69 11.71
N GLU B 147 19.13 -43.72 10.95
CA GLU B 147 18.15 -44.60 10.33
C GLU B 147 17.14 -45.18 11.33
N ASP B 148 17.45 -45.07 12.61
CA ASP B 148 16.57 -45.57 13.67
C ASP B 148 15.42 -44.61 13.96
N LEU B 149 15.60 -43.34 13.62
CA LEU B 149 14.57 -42.33 13.86
C LEU B 149 13.32 -42.57 13.01
N ILE B 150 13.54 -42.97 11.76
CA ILE B 150 12.42 -43.21 10.85
C ILE B 150 11.45 -44.23 11.44
N VAL B 151 11.97 -45.15 12.25
CA VAL B 151 11.16 -46.17 12.90
C VAL B 151 10.29 -45.51 13.96
N LEU B 152 10.91 -44.70 14.81
CA LEU B 152 10.20 -44.01 15.87
C LEU B 152 9.12 -43.08 15.34
N LEU B 153 9.36 -42.47 14.19
CA LEU B 153 8.39 -41.56 13.60
C LEU B 153 7.20 -42.31 13.02
N GLY B 154 7.46 -43.53 12.56
CA GLY B 154 6.39 -44.33 11.98
C GLY B 154 5.46 -44.88 13.04
N LYS B 155 5.86 -44.80 14.30
CA LYS B 155 5.06 -45.32 15.40
C LYS B 155 4.49 -44.22 16.29
N LEU B 156 4.71 -42.96 15.92
CA LEU B 156 4.23 -41.84 16.71
C LEU B 156 3.17 -40.97 16.06
N ASN B 157 2.52 -40.15 16.88
CA ASN B 157 1.50 -39.21 16.43
C ASN B 157 2.09 -37.82 16.61
N TYR B 158 2.70 -37.29 15.56
CA TYR B 158 3.30 -35.98 15.61
C TYR B 158 2.92 -35.18 14.36
N TYR B 159 2.99 -33.85 14.47
CA TYR B 159 2.69 -32.98 13.35
C TYR B 159 3.90 -32.93 12.40
N LYS B 160 4.99 -32.33 12.87
CA LYS B 160 6.23 -32.23 12.11
C LYS B 160 7.45 -32.61 12.96
N CYS B 161 8.54 -32.98 12.29
CA CYS B 161 9.77 -33.38 12.97
C CYS B 161 10.90 -32.41 12.66
N PHE B 162 11.40 -31.74 13.70
CA PHE B 162 12.47 -30.75 13.54
C PHE B 162 13.82 -31.25 14.04
N ILE B 163 14.84 -31.08 13.21
CA ILE B 163 16.20 -31.46 13.58
C ILE B 163 16.77 -30.17 14.14
N ILE B 164 16.71 -30.04 15.46
CA ILE B 164 17.21 -28.86 16.12
C ILE B 164 18.73 -29.00 16.29
N GLY B 165 19.24 -30.00 15.57
CA GLY B 165 20.63 -30.32 15.47
C GLY B 165 21.58 -30.68 16.55
N GLY B 166 22.74 -30.13 16.28
CA GLY B 166 23.96 -30.19 17.02
C GLY B 166 24.62 -30.07 15.66
N SER B 167 25.75 -29.38 15.54
CA SER B 167 26.35 -29.26 14.23
C SER B 167 26.53 -30.63 13.57
N VAL B 168 27.01 -31.59 14.36
CA VAL B 168 27.24 -32.95 13.88
C VAL B 168 25.96 -33.56 13.32
N VAL B 169 24.85 -33.32 14.03
CA VAL B 169 23.56 -33.83 13.62
C VAL B 169 23.09 -33.21 12.30
N TYR B 170 23.35 -31.91 12.14
CA TYR B 170 22.97 -31.21 10.90
C TYR B 170 23.70 -31.87 9.74
N GLN B 171 25.00 -32.09 9.93
CA GLN B 171 25.85 -32.71 8.93
C GLN B 171 25.22 -33.97 8.37
N GLU B 172 25.17 -35.01 9.20
CA GLU B 172 24.61 -36.32 8.83
C GLU B 172 23.25 -36.23 8.16
N PHE B 173 22.30 -35.59 8.83
CA PHE B 173 20.95 -35.44 8.29
C PHE B 173 20.89 -34.71 6.94
N LEU B 174 21.81 -33.77 6.73
CA LEU B 174 21.87 -32.99 5.49
C LEU B 174 22.41 -33.73 4.28
N GLU B 175 23.46 -34.51 4.49
CA GLU B 175 24.06 -35.26 3.39
C GLU B 175 23.19 -36.45 3.06
N LYS B 176 22.51 -36.99 4.06
CA LYS B 176 21.63 -38.13 3.86
C LYS B 176 20.31 -37.66 3.24
N LYS B 177 20.23 -36.36 2.95
CA LYS B 177 19.05 -35.78 2.32
C LYS B 177 17.73 -36.01 3.07
N LEU B 178 17.79 -36.04 4.39
CA LEU B 178 16.58 -36.26 5.21
C LEU B 178 15.93 -34.93 5.65
N ILE B 179 16.28 -33.84 4.97
CA ILE B 179 15.75 -32.52 5.33
C ILE B 179 14.84 -31.92 4.25
N LYS B 180 13.58 -31.69 4.58
CA LYS B 180 12.66 -31.10 3.61
C LYS B 180 12.96 -29.60 3.46
N LYS B 181 12.83 -28.87 4.55
CA LYS B 181 13.11 -27.44 4.56
C LYS B 181 14.12 -27.11 5.65
N ILE B 182 14.65 -25.89 5.59
CA ILE B 182 15.63 -25.44 6.59
C ILE B 182 15.26 -24.05 7.09
N TYR B 183 14.81 -23.97 8.33
CA TYR B 183 14.47 -22.69 8.95
C TYR B 183 15.76 -22.14 9.54
N PHE B 184 16.36 -21.23 8.77
CA PHE B 184 17.64 -20.61 9.08
C PHE B 184 17.51 -19.18 9.62
N THR B 185 18.07 -18.95 10.80
CA THR B 185 18.04 -17.64 11.41
C THR B 185 19.39 -17.01 11.11
N ARG B 186 19.40 -15.81 10.55
CA ARG B 186 20.67 -15.17 10.24
C ARG B 186 20.98 -14.03 11.24
N ILE B 187 21.89 -14.34 12.17
CA ILE B 187 22.34 -13.42 13.20
C ILE B 187 23.40 -12.55 12.55
N ASN B 188 23.08 -11.27 12.27
CA ASN B 188 24.05 -10.40 11.61
C ASN B 188 25.04 -9.73 12.58
N SER B 189 26.10 -10.47 12.90
CA SER B 189 27.17 -10.02 13.79
C SER B 189 28.18 -11.14 13.88
N THR B 190 29.44 -10.80 14.16
CA THR B 190 30.50 -11.79 14.24
C THR B 190 30.79 -12.27 15.67
N TYR B 191 31.08 -13.57 15.80
CA TYR B 191 31.40 -14.14 17.11
C TYR B 191 32.46 -15.22 16.99
N GLU B 192 33.03 -15.61 18.14
CA GLU B 192 34.03 -16.67 18.16
C GLU B 192 33.26 -17.98 18.17
N CYS B 193 33.60 -18.88 17.24
CA CYS B 193 32.92 -20.17 17.13
C CYS B 193 33.88 -21.33 16.86
N ASP B 194 33.52 -22.52 17.32
CA ASP B 194 34.32 -23.71 17.09
C ASP B 194 33.54 -24.77 16.31
N VAL B 195 32.23 -24.58 16.23
CA VAL B 195 31.36 -25.49 15.47
C VAL B 195 30.54 -24.68 14.48
N PHE B 196 30.39 -25.22 13.27
CA PHE B 196 29.67 -24.51 12.21
C PHE B 196 28.69 -25.36 11.40
N PHE B 197 27.70 -24.71 10.83
CA PHE B 197 26.68 -25.36 10.01
C PHE B 197 27.32 -25.75 8.67
N PRO B 198 26.81 -26.80 8.02
CA PRO B 198 27.37 -27.23 6.72
C PRO B 198 27.12 -26.22 5.62
N GLU B 199 28.01 -26.15 4.64
CA GLU B 199 27.79 -25.22 3.56
C GLU B 199 26.67 -25.78 2.69
N ILE B 200 25.52 -25.11 2.70
CA ILE B 200 24.38 -25.52 1.92
C ILE B 200 24.66 -25.37 0.44
N ASN B 201 24.35 -26.40 -0.34
CA ASN B 201 24.57 -26.37 -1.77
C ASN B 201 23.36 -25.78 -2.47
N GLU B 202 23.59 -24.69 -3.22
CA GLU B 202 22.53 -24.01 -3.94
C GLU B 202 21.77 -24.90 -4.93
N ASN B 203 22.33 -26.07 -5.24
CA ASN B 203 21.68 -26.98 -6.17
C ASN B 203 20.85 -28.01 -5.42
N GLU B 204 21.01 -28.06 -4.10
CA GLU B 204 20.27 -29.00 -3.26
C GLU B 204 19.09 -28.28 -2.62
N TYR B 205 19.35 -27.08 -2.09
CA TYR B 205 18.32 -26.27 -1.45
C TYR B 205 18.35 -24.86 -2.02
N GLN B 206 17.21 -24.18 -1.98
CA GLN B 206 17.12 -22.81 -2.47
C GLN B 206 16.23 -22.00 -1.54
N ILE B 207 16.54 -20.72 -1.38
CA ILE B 207 15.76 -19.85 -0.52
C ILE B 207 14.44 -19.47 -1.19
N ILE B 208 13.34 -19.60 -0.45
CA ILE B 208 12.03 -19.27 -0.96
C ILE B 208 11.36 -18.18 -0.13
N SER B 209 11.91 -17.90 1.04
CA SER B 209 11.33 -16.88 1.91
C SER B 209 12.35 -16.09 2.73
N VAL B 210 12.13 -14.78 2.79
CA VAL B 210 12.97 -13.87 3.53
C VAL B 210 12.01 -13.05 4.39
N SER B 211 12.22 -13.03 5.69
CA SER B 211 11.34 -12.29 6.58
C SER B 211 11.73 -10.82 6.72
N ASP B 212 11.04 -10.13 7.62
CA ASP B 212 11.28 -8.74 7.92
C ASP B 212 12.57 -8.68 8.77
N VAL B 213 13.36 -7.62 8.65
CA VAL B 213 14.58 -7.52 9.45
C VAL B 213 14.26 -7.00 10.85
N TYR B 214 14.99 -7.50 11.85
CA TYR B 214 14.76 -7.13 13.24
C TYR B 214 16.03 -6.83 14.01
N THR B 215 15.86 -6.18 15.16
CA THR B 215 16.98 -5.88 16.05
C THR B 215 16.60 -6.53 17.38
N SER B 216 17.55 -7.24 17.98
CA SER B 216 17.34 -7.92 19.25
C SER B 216 18.70 -8.24 19.83
N ASN B 217 18.89 -7.94 21.10
CA ASN B 217 20.16 -8.21 21.77
C ASN B 217 21.34 -7.58 21.04
N ASN B 218 21.18 -6.31 20.67
CA ASN B 218 22.24 -5.56 20.00
C ASN B 218 22.75 -6.16 18.70
N THR B 219 21.82 -6.62 17.88
CA THR B 219 22.21 -7.22 16.60
C THR B 219 20.97 -7.27 15.72
N THR B 220 21.17 -7.15 14.41
CA THR B 220 20.03 -7.27 13.52
C THR B 220 20.01 -8.74 13.13
N LEU B 221 18.86 -9.21 12.68
CA LEU B 221 18.73 -10.60 12.29
C LEU B 221 17.46 -10.74 11.46
N ASP B 222 17.40 -11.80 10.67
CA ASP B 222 16.23 -12.09 9.87
C ASP B 222 16.10 -13.61 9.77
N PHE B 223 14.94 -14.06 9.30
CA PHE B 223 14.66 -15.47 9.19
C PHE B 223 14.37 -15.88 7.75
N ILE B 224 15.16 -16.79 7.21
CA ILE B 224 14.94 -17.25 5.86
C ILE B 224 14.55 -18.72 5.83
N ILE B 225 14.00 -19.15 4.69
CA ILE B 225 13.58 -20.53 4.54
C ILE B 225 14.21 -21.20 3.34
N TYR B 226 14.83 -22.36 3.58
CA TYR B 226 15.46 -23.14 2.51
C TYR B 226 14.52 -24.29 2.18
N LYS B 227 14.39 -24.59 0.90
CA LYS B 227 13.52 -25.68 0.43
C LYS B 227 14.29 -26.64 -0.46
N LYS B 228 14.24 -27.93 -0.13
CA LYS B 228 14.92 -28.97 -0.91
C LYS B 228 14.47 -28.85 -2.36
N THR B 229 15.38 -28.36 -3.21
CA THR B 229 15.07 -28.18 -4.61
C THR B 229 14.74 -29.51 -5.29
N ASN B 230 13.47 -29.74 -5.54
CA ASN B 230 13.02 -30.96 -6.19
C ASN B 230 13.06 -30.81 -7.72
N ASN B 231 14.21 -30.34 -8.20
CA ASN B 231 14.48 -30.13 -9.62
C ASN B 231 13.24 -29.77 -10.45
N ASP C 4 0.15 -26.29 -0.19
CA ASP C 4 -0.42 -25.71 1.07
C ASP C 4 0.66 -25.66 2.16
N GLU C 5 1.87 -26.07 1.80
CA GLU C 5 3.00 -26.07 2.74
C GLU C 5 3.39 -24.65 3.12
N GLU C 6 3.05 -23.70 2.24
CA GLU C 6 3.35 -22.29 2.45
C GLU C 6 2.53 -21.78 3.64
N GLU C 7 1.31 -22.30 3.78
CA GLU C 7 0.39 -21.91 4.85
C GLU C 7 1.03 -21.77 6.22
N ASP C 8 1.79 -22.78 6.63
CA ASP C 8 2.45 -22.76 7.93
C ASP C 8 3.59 -21.73 8.04
N ASP C 9 4.36 -21.56 6.97
CA ASP C 9 5.46 -20.59 6.96
C ASP C 9 4.92 -19.17 7.20
N PHE C 10 3.70 -18.93 6.73
CA PHE C 10 3.05 -17.64 6.91
C PHE C 10 2.85 -17.41 8.40
N VAL C 11 2.32 -18.43 9.08
CA VAL C 11 2.06 -18.37 10.50
C VAL C 11 3.33 -18.10 11.31
N TYR C 12 4.42 -18.80 10.97
CA TYR C 12 5.67 -18.61 11.68
C TYR C 12 6.13 -17.16 11.52
N PHE C 13 6.16 -16.71 10.27
CA PHE C 13 6.58 -15.35 9.96
C PHE C 13 5.83 -14.25 10.70
N ASN C 14 4.79 -14.61 11.45
CA ASN C 14 4.01 -13.65 12.22
C ASN C 14 4.22 -13.89 13.71
N PHE C 15 5.27 -14.64 14.03
CA PHE C 15 5.57 -14.96 15.41
C PHE C 15 5.76 -13.74 16.29
N ASN C 16 5.98 -12.57 15.69
CA ASN C 16 6.20 -11.37 16.48
C ASN C 16 5.10 -10.33 16.49
N LYS C 17 3.89 -10.74 16.15
CA LYS C 17 2.75 -9.83 16.19
C LYS C 17 2.01 -10.23 17.48
N GLU C 18 2.24 -9.48 18.56
CA GLU C 18 1.62 -9.78 19.85
C GLU C 18 0.13 -9.40 19.97
N LYS C 19 -0.45 -9.82 21.09
CA LYS C 19 -1.87 -9.62 21.48
C LYS C 19 -2.62 -8.32 21.13
N GLU C 20 -3.91 -8.49 20.80
CA GLU C 20 -4.83 -7.40 20.43
C GLU C 20 -5.34 -6.58 21.61
N GLU C 21 -4.50 -6.35 22.61
CA GLU C 21 -4.89 -5.54 23.76
C GLU C 21 -4.04 -4.26 23.70
N LYS C 22 -2.79 -4.44 23.27
CA LYS C 22 -1.86 -3.33 23.13
C LYS C 22 -2.06 -2.71 21.75
N ASN C 23 -3.30 -2.82 21.24
CA ASN C 23 -3.67 -2.26 19.93
C ASN C 23 -4.10 -0.82 20.11
N LYS C 24 -3.73 -0.25 21.25
CA LYS C 24 -4.02 1.14 21.55
C LYS C 24 -5.52 1.41 21.77
N ASN C 25 -5.87 2.69 21.72
CA ASN C 25 -7.23 3.21 21.90
C ASN C 25 -8.33 2.15 22.03
N SER C 26 -8.82 1.95 23.26
CA SER C 26 -9.88 0.98 23.53
C SER C 26 -11.05 1.20 22.58
N ILE C 27 -10.98 0.51 21.45
CA ILE C 27 -12.01 0.59 20.42
C ILE C 27 -12.98 -0.56 20.60
N HIS C 28 -14.24 -0.33 20.30
CA HIS C 28 -15.24 -1.37 20.41
C HIS C 28 -15.64 -1.85 19.02
N PRO C 29 -15.55 -3.17 18.79
CA PRO C 29 -15.91 -3.73 17.49
C PRO C 29 -17.30 -3.31 17.06
N ASN C 30 -18.27 -3.62 17.92
CA ASN C 30 -19.68 -3.32 17.68
C ASN C 30 -19.94 -1.97 17.03
N ASP C 31 -19.02 -1.03 17.19
CA ASP C 31 -19.20 0.28 16.58
C ASP C 31 -18.96 0.28 15.07
N PHE C 32 -18.42 -0.82 14.55
CA PHE C 32 -18.14 -0.92 13.12
C PHE C 32 -18.55 -2.26 12.55
N GLN C 33 -19.64 -2.84 13.06
CA GLN C 33 -20.08 -4.13 12.58
C GLN C 33 -20.27 -4.10 11.06
N ILE C 34 -21.13 -3.19 10.59
CA ILE C 34 -21.41 -3.04 9.18
C ILE C 34 -20.12 -2.91 8.37
N TYR C 35 -19.19 -2.13 8.89
CA TYR C 35 -17.90 -1.89 8.26
C TYR C 35 -17.03 -3.14 8.19
N ASN C 36 -17.07 -3.96 9.24
CA ASN C 36 -16.27 -5.18 9.28
C ASN C 36 -16.95 -6.36 8.63
N SER C 37 -18.27 -6.32 8.57
CA SER C 37 -19.02 -7.40 7.94
C SER C 37 -18.64 -7.50 6.47
N LEU C 38 -18.47 -6.35 5.83
CA LEU C 38 -18.11 -6.29 4.42
C LEU C 38 -16.89 -7.15 4.11
N LYS C 39 -17.00 -7.94 3.05
CA LYS C 39 -15.91 -8.82 2.61
C LYS C 39 -14.97 -8.05 1.70
N TYR C 40 -15.52 -7.51 0.62
CA TYR C 40 -14.75 -6.74 -0.34
C TYR C 40 -15.13 -5.27 -0.28
N LYS C 41 -14.15 -4.42 0.00
CA LYS C 41 -14.36 -2.97 0.09
C LYS C 41 -13.51 -2.29 -0.96
N TYR C 42 -13.91 -2.43 -2.23
CA TYR C 42 -13.15 -1.85 -3.32
C TYR C 42 -13.60 -0.48 -3.79
N HIS C 43 -14.74 0.01 -3.31
CA HIS C 43 -15.19 1.34 -3.72
C HIS C 43 -14.08 2.30 -3.28
N PRO C 44 -13.69 3.22 -4.17
CA PRO C 44 -12.62 4.18 -3.83
C PRO C 44 -12.82 4.95 -2.52
N GLU C 45 -14.05 5.14 -2.09
CA GLU C 45 -14.26 5.89 -0.87
C GLU C 45 -13.64 5.19 0.33
N TYR C 46 -13.38 3.89 0.19
CA TYR C 46 -12.78 3.14 1.27
C TYR C 46 -11.32 3.50 1.53
N GLN C 47 -10.72 4.22 0.59
CA GLN C 47 -9.34 4.64 0.80
C GLN C 47 -9.39 5.65 1.93
N TYR C 48 -10.41 6.49 1.89
CA TYR C 48 -10.62 7.50 2.89
C TYR C 48 -11.06 6.85 4.20
N LEU C 49 -12.14 6.10 4.16
CA LEU C 49 -12.65 5.45 5.37
C LEU C 49 -11.64 4.55 6.06
N ASN C 50 -10.92 3.74 5.29
CA ASN C 50 -9.92 2.83 5.86
C ASN C 50 -8.86 3.53 6.70
N ILE C 51 -8.54 4.76 6.31
CA ILE C 51 -7.54 5.54 7.03
C ILE C 51 -8.13 6.00 8.35
N ILE C 52 -9.40 6.40 8.32
CA ILE C 52 -10.11 6.84 9.51
C ILE C 52 -10.06 5.67 10.49
N TYR C 53 -10.34 4.47 9.97
CA TYR C 53 -10.32 3.28 10.80
C TYR C 53 -8.93 3.03 11.38
N ASP C 54 -7.91 3.09 10.53
CA ASP C 54 -6.55 2.85 10.99
C ASP C 54 -6.15 3.85 12.07
N ILE C 55 -6.51 5.12 11.89
CA ILE C 55 -6.17 6.14 12.86
C ILE C 55 -6.89 5.96 14.19
N MET C 56 -8.12 5.44 14.17
CA MET C 56 -8.85 5.22 15.42
C MET C 56 -8.30 3.98 16.12
N MET C 57 -8.04 2.94 15.34
CA MET C 57 -7.54 1.70 15.88
C MET C 57 -6.07 1.70 16.28
N ASN C 58 -5.24 2.39 15.52
CA ASN C 58 -3.80 2.42 15.80
C ASN C 58 -3.20 3.80 16.00
N GLY C 59 -4.02 4.84 15.98
CA GLY C 59 -3.52 6.19 16.16
C GLY C 59 -2.83 6.49 17.48
N ASN C 60 -2.04 7.55 17.48
CA ASN C 60 -1.33 7.99 18.67
C ASN C 60 -2.12 9.12 19.30
N LYS C 61 -2.22 9.09 20.63
CA LYS C 61 -2.93 10.13 21.36
C LYS C 61 -1.97 11.29 21.53
N GLN C 62 -2.32 12.42 20.92
CA GLN C 62 -1.49 13.62 21.01
C GLN C 62 -2.36 14.82 21.31
N SER C 63 -1.72 15.89 21.76
CA SER C 63 -2.42 17.13 22.02
C SER C 63 -2.08 17.94 20.78
N ASP C 64 -2.57 19.17 20.69
CA ASP C 64 -2.26 19.97 19.51
C ASP C 64 -2.50 21.44 19.70
N ARG C 65 -2.09 22.20 18.70
CA ARG C 65 -2.22 23.65 18.69
C ARG C 65 -3.56 24.15 19.24
N THR C 66 -4.61 23.33 19.10
CA THR C 66 -5.95 23.70 19.57
C THR C 66 -6.27 23.19 20.99
N GLY C 67 -5.69 22.06 21.38
CA GLY C 67 -5.95 21.51 22.70
C GLY C 67 -7.04 20.45 22.73
N VAL C 68 -7.82 20.37 21.66
CA VAL C 68 -8.90 19.40 21.55
C VAL C 68 -8.38 17.99 21.79
N GLY C 69 -7.19 17.71 21.29
CA GLY C 69 -6.62 16.37 21.45
C GLY C 69 -6.99 15.58 20.21
N VAL C 70 -6.03 14.86 19.64
CA VAL C 70 -6.28 14.08 18.45
C VAL C 70 -5.57 12.75 18.46
N LEU C 71 -5.96 11.88 17.55
CA LEU C 71 -5.32 10.58 17.38
C LEU C 71 -4.59 10.83 16.06
N SER C 72 -3.37 10.33 15.93
CA SER C 72 -2.64 10.60 14.69
C SER C 72 -1.69 9.53 14.23
N LYS C 73 -1.43 9.52 12.93
CA LYS C 73 -0.50 8.60 12.29
C LYS C 73 0.26 9.47 11.29
N PHE C 74 1.32 8.94 10.71
CA PHE C 74 2.16 9.73 9.81
C PHE C 74 2.40 9.05 8.47
N GLY C 75 2.01 9.70 7.38
CA GLY C 75 2.25 9.14 6.05
C GLY C 75 1.26 8.16 5.46
N TYR C 76 0.31 8.67 4.70
CA TYR C 76 -0.70 7.85 4.02
C TYR C 76 -0.77 8.32 2.59
N ILE C 77 -1.34 7.50 1.72
CA ILE C 77 -1.50 7.88 0.31
C ILE C 77 -2.81 7.34 -0.26
N MET C 78 -3.51 8.20 -1.00
CA MET C 78 -4.76 7.80 -1.63
C MET C 78 -4.64 8.12 -3.12
N LYS C 79 -5.25 7.28 -3.95
CA LYS C 79 -5.23 7.49 -5.40
C LYS C 79 -6.65 7.45 -5.94
N PHE C 80 -7.01 8.46 -6.72
CA PHE C 80 -8.36 8.56 -7.30
C PHE C 80 -8.30 8.68 -8.82
N ASP C 81 -9.10 7.87 -9.51
CA ASP C 81 -9.12 7.86 -10.96
C ASP C 81 -10.19 8.83 -11.49
N LEU C 82 -9.78 10.05 -11.80
CA LEU C 82 -10.71 11.08 -12.29
C LEU C 82 -11.27 10.79 -13.67
N SER C 83 -10.71 9.82 -14.37
CA SER C 83 -11.22 9.49 -15.70
C SER C 83 -12.38 8.53 -15.54
N GLN C 84 -12.57 8.05 -14.31
CA GLN C 84 -13.63 7.10 -13.98
C GLN C 84 -14.71 7.66 -13.06
N TYR C 85 -14.41 8.73 -12.34
CA TYR C 85 -15.40 9.33 -11.43
C TYR C 85 -14.87 10.56 -10.71
N PHE C 86 -15.77 11.29 -10.07
CA PHE C 86 -15.39 12.47 -9.31
C PHE C 86 -15.50 12.02 -7.85
N PRO C 87 -14.38 11.98 -7.13
CA PRO C 87 -14.37 11.55 -5.72
C PRO C 87 -14.96 12.46 -4.64
N LEU C 88 -16.26 12.69 -4.70
CA LEU C 88 -16.93 13.49 -3.68
C LEU C 88 -17.51 12.45 -2.73
N LEU C 89 -17.05 12.44 -1.48
CA LEU C 89 -17.53 11.44 -0.53
C LEU C 89 -19.04 11.31 -0.48
N THR C 90 -19.51 10.07 -0.32
CA THR C 90 -20.94 9.84 -0.29
C THR C 90 -21.48 9.40 1.07
N THR C 91 -20.59 9.02 1.98
CA THR C 91 -21.06 8.58 3.29
C THR C 91 -21.55 9.76 4.11
N LYS C 92 -21.58 10.94 3.50
CA LYS C 92 -22.09 12.14 4.16
C LYS C 92 -22.26 13.20 3.08
N LYS C 93 -23.08 14.21 3.36
CA LYS C 93 -23.34 15.26 2.38
C LYS C 93 -22.29 16.35 2.31
N LEU C 94 -21.94 16.76 1.09
CA LEU C 94 -20.94 17.78 0.85
C LEU C 94 -21.37 18.80 -0.20
N PHE C 95 -20.96 20.06 -0.01
CA PHE C 95 -21.28 21.11 -0.99
C PHE C 95 -19.94 21.57 -1.56
N LEU C 96 -19.91 21.92 -2.84
CA LEU C 96 -18.66 22.37 -3.43
C LEU C 96 -18.62 23.84 -3.84
N ARG C 97 -19.76 24.52 -3.83
CA ARG C 97 -19.78 25.93 -4.22
C ARG C 97 -18.66 26.69 -3.53
N GLY C 98 -18.54 26.49 -2.23
CA GLY C 98 -17.52 27.16 -1.45
C GLY C 98 -16.10 26.89 -1.94
N ILE C 99 -15.72 25.63 -1.98
CA ILE C 99 -14.37 25.27 -2.41
C ILE C 99 -14.06 25.65 -3.85
N ILE C 100 -15.08 25.87 -4.66
CA ILE C 100 -14.83 26.24 -6.05
C ILE C 100 -14.56 27.75 -6.05
N GLU C 101 -15.34 28.49 -5.28
CA GLU C 101 -15.14 29.93 -5.17
C GLU C 101 -13.76 30.14 -4.57
N GLU C 102 -13.40 29.30 -3.60
CA GLU C 102 -12.08 29.42 -2.98
C GLU C 102 -11.00 29.19 -4.03
N LEU C 103 -11.18 28.15 -4.85
CA LEU C 103 -10.23 27.80 -5.88
C LEU C 103 -10.07 28.90 -6.92
N LEU C 104 -11.19 29.49 -7.34
CA LEU C 104 -11.15 30.56 -8.33
C LEU C 104 -10.45 31.77 -7.69
N TRP C 105 -10.69 31.91 -6.39
CA TRP C 105 -10.09 32.97 -5.58
C TRP C 105 -8.57 32.77 -5.57
N PHE C 106 -8.12 31.52 -5.40
CA PHE C 106 -6.68 31.26 -5.40
C PHE C 106 -6.11 31.63 -6.78
N ILE C 107 -6.74 31.14 -7.83
CA ILE C 107 -6.27 31.39 -9.17
C ILE C 107 -6.11 32.86 -9.51
N ARG C 108 -6.95 33.72 -8.93
CA ARG C 108 -6.84 35.15 -9.20
C ARG C 108 -5.72 35.80 -8.38
N GLY C 109 -5.11 35.03 -7.49
CA GLY C 109 -4.04 35.57 -6.66
C GLY C 109 -4.55 36.43 -5.52
N GLU C 110 -5.85 36.39 -5.27
CA GLU C 110 -6.45 37.18 -4.20
C GLU C 110 -6.04 36.73 -2.81
N THR C 111 -6.13 37.65 -1.87
CA THR C 111 -5.78 37.37 -0.49
C THR C 111 -6.80 38.09 0.41
N ASN C 112 -7.83 38.65 -0.23
CA ASN C 112 -8.89 39.41 0.44
C ASN C 112 -10.05 38.51 0.87
N GLY C 113 -10.17 38.24 2.17
CA GLY C 113 -11.24 37.39 2.67
C GLY C 113 -12.62 37.92 2.41
N ASN C 114 -12.74 39.24 2.32
CA ASN C 114 -14.01 39.89 2.06
C ASN C 114 -14.63 39.39 0.78
N THR C 115 -13.80 39.13 -0.23
CA THR C 115 -14.29 38.64 -1.51
C THR C 115 -15.07 37.34 -1.30
N LEU C 116 -14.54 36.44 -0.47
CA LEU C 116 -15.24 35.19 -0.22
C LEU C 116 -16.47 35.38 0.65
N LEU C 117 -16.36 36.25 1.66
CA LEU C 117 -17.50 36.52 2.54
C LEU C 117 -18.68 37.16 1.79
N ASN C 118 -18.39 37.96 0.77
CA ASN C 118 -19.46 38.60 -0.01
C ASN C 118 -20.16 37.61 -0.92
N LYS C 119 -19.63 36.39 -0.99
CA LYS C 119 -20.20 35.32 -1.80
C LYS C 119 -20.71 34.28 -0.80
N ASN C 120 -20.84 34.72 0.44
CA ASN C 120 -21.29 33.89 1.54
C ASN C 120 -20.49 32.61 1.69
N VAL C 121 -19.16 32.73 1.56
CA VAL C 121 -18.25 31.61 1.72
C VAL C 121 -17.39 31.98 2.92
N ARG C 122 -17.60 31.28 4.02
CA ARG C 122 -16.90 31.58 5.25
C ARG C 122 -15.70 30.72 5.60
N ILE C 123 -15.20 29.97 4.62
CA ILE C 123 -14.07 29.09 4.86
C ILE C 123 -12.93 29.77 5.62
N TRP C 124 -12.61 31.00 5.24
CA TRP C 124 -11.52 31.75 5.88
C TRP C 124 -11.93 32.79 6.92
N GLU C 125 -13.22 32.97 7.14
CA GLU C 125 -13.68 33.97 8.08
C GLU C 125 -12.96 33.98 9.45
N ALA C 126 -12.81 32.81 10.06
CA ALA C 126 -12.16 32.73 11.37
C ALA C 126 -10.67 33.10 11.35
N ASN C 127 -10.01 32.93 10.19
CA ASN C 127 -8.59 33.23 10.11
C ASN C 127 -8.32 34.70 9.82
N GLY C 128 -9.38 35.49 9.67
CA GLY C 128 -9.19 36.90 9.36
C GLY C 128 -9.75 37.88 10.38
N THR C 129 -10.08 37.41 11.57
CA THR C 129 -10.62 38.30 12.59
C THR C 129 -9.49 39.10 13.26
N ARG C 130 -9.87 40.16 13.97
CA ARG C 130 -8.88 40.97 14.66
C ARG C 130 -8.12 40.06 15.63
N GLU C 131 -8.88 39.32 16.43
CA GLU C 131 -8.32 38.40 17.42
C GLU C 131 -7.36 37.41 16.79
N PHE C 132 -7.81 36.71 15.74
CA PHE C 132 -6.93 35.74 15.11
C PHE C 132 -5.65 36.41 14.60
N LEU C 133 -5.80 37.47 13.83
CA LEU C 133 -4.64 38.18 13.31
C LEU C 133 -3.70 38.61 14.43
N ASP C 134 -4.27 39.15 15.51
CA ASP C 134 -3.47 39.60 16.65
C ASP C 134 -2.75 38.48 17.37
N ASN C 135 -3.35 37.29 17.44
CA ASN C 135 -2.71 36.17 18.10
C ASN C 135 -1.59 35.63 17.24
N ARG C 136 -1.60 35.99 15.96
CA ARG C 136 -0.56 35.59 15.02
C ARG C 136 0.50 36.68 14.97
N LYS C 137 0.30 37.72 15.79
CA LYS C 137 1.22 38.86 15.88
C LYS C 137 1.12 39.80 14.67
N LEU C 138 0.06 39.68 13.88
CA LEU C 138 -0.10 40.55 12.71
C LEU C 138 -0.92 41.77 13.10
N PHE C 139 -0.41 42.50 14.09
CA PHE C 139 -1.07 43.69 14.62
C PHE C 139 -1.33 44.78 13.60
N HIS C 140 -0.49 44.85 12.57
CA HIS C 140 -0.64 45.87 11.55
C HIS C 140 -1.38 45.37 10.32
N ARG C 141 -2.00 44.20 10.43
CA ARG C 141 -2.75 43.61 9.34
C ARG C 141 -4.25 43.92 9.48
N GLU C 142 -4.86 44.47 8.42
CA GLU C 142 -6.26 44.79 8.40
C GLU C 142 -7.08 43.51 8.48
N VAL C 143 -8.23 43.59 9.14
CA VAL C 143 -9.12 42.44 9.28
C VAL C 143 -9.46 41.86 7.91
N ASN C 144 -9.29 40.55 7.78
CA ASN C 144 -9.56 39.80 6.55
C ASN C 144 -8.46 39.90 5.49
N ASP C 145 -7.36 40.56 5.81
CA ASP C 145 -6.26 40.63 4.84
C ASP C 145 -5.45 39.43 5.25
N LEU C 146 -5.74 38.31 4.61
CA LEU C 146 -5.11 37.05 4.93
C LEU C 146 -3.59 36.98 4.79
N GLY C 147 -3.01 37.88 4.00
CA GLY C 147 -1.57 37.86 3.83
C GLY C 147 -1.13 37.08 2.61
N PRO C 148 0.18 36.85 2.44
CA PRO C 148 0.73 36.11 1.30
C PRO C 148 0.45 34.62 1.32
N ILE C 149 -0.82 34.25 1.25
CA ILE C 149 -1.24 32.85 1.26
C ILE C 149 -1.34 32.30 -0.16
N TYR C 150 -1.75 31.04 -0.27
CA TYR C 150 -1.92 30.34 -1.55
C TYR C 150 -1.97 31.20 -2.80
N GLY C 151 -3.05 31.96 -2.95
CA GLY C 151 -3.21 32.81 -4.12
C GLY C 151 -2.00 33.64 -4.48
N PHE C 152 -1.48 34.34 -3.48
CA PHE C 152 -0.32 35.20 -3.66
C PHE C 152 0.89 34.39 -4.10
N GLN C 153 1.11 33.24 -3.45
CA GLN C 153 2.26 32.40 -3.79
C GLN C 153 2.14 31.79 -5.19
N TRP C 154 0.93 31.41 -5.60
CA TRP C 154 0.69 30.80 -6.90
C TRP C 154 0.99 31.78 -8.07
N ARG C 155 0.70 33.07 -7.86
CA ARG C 155 0.93 34.06 -8.90
C ARG C 155 2.07 35.04 -8.65
N HIS C 156 2.51 35.17 -7.39
CA HIS C 156 3.55 36.15 -7.06
C HIS C 156 4.64 35.75 -6.09
N PHE C 157 4.91 34.45 -5.98
CA PHE C 157 5.94 33.95 -5.07
C PHE C 157 7.23 34.77 -5.23
N GLY C 158 7.74 35.27 -4.10
CA GLY C 158 8.98 36.03 -4.11
C GLY C 158 8.76 37.51 -3.91
N ALA C 159 7.61 38.01 -4.36
CA ALA C 159 7.28 39.42 -4.24
C ALA C 159 6.99 39.81 -2.79
N GLU C 160 7.33 41.05 -2.44
CA GLU C 160 7.09 41.54 -1.08
C GLU C 160 5.61 41.87 -0.89
N TYR C 161 4.99 41.23 0.09
CA TYR C 161 3.58 41.46 0.34
C TYR C 161 3.35 42.80 1.05
N THR C 162 2.42 43.60 0.55
CA THR C 162 2.10 44.87 1.15
C THR C 162 0.74 44.71 1.83
N ASN C 163 -0.34 44.77 1.05
CA ASN C 163 -1.70 44.57 1.58
C ASN C 163 -2.58 43.94 0.50
N MET C 164 -3.78 43.50 0.90
CA MET C 164 -4.71 42.83 -0.01
C MET C 164 -5.31 43.65 -1.14
N TYR C 165 -4.95 44.92 -1.25
CA TYR C 165 -5.52 45.76 -2.31
C TYR C 165 -4.46 46.13 -3.31
N ASP C 166 -3.20 45.87 -2.96
CA ASP C 166 -2.11 46.23 -3.84
C ASP C 166 -2.22 45.54 -5.20
N ASN C 167 -1.49 46.06 -6.16
CA ASN C 167 -1.46 45.51 -7.50
C ASN C 167 -0.09 44.87 -7.70
N TYR C 168 -0.06 43.55 -7.61
CA TYR C 168 1.19 42.79 -7.73
C TYR C 168 1.54 42.30 -9.14
N GLU C 169 0.96 42.92 -10.16
CA GLU C 169 1.22 42.53 -11.55
C GLU C 169 2.71 42.47 -11.90
N ASN C 170 3.10 41.39 -12.56
CA ASN C 170 4.50 41.19 -12.96
C ASN C 170 5.47 41.35 -11.79
N LYS C 171 5.07 40.84 -10.64
CA LYS C 171 5.90 40.88 -9.44
C LYS C 171 5.87 39.49 -8.85
N GLY C 172 7.03 38.98 -8.47
CA GLY C 172 7.08 37.64 -7.92
C GLY C 172 7.04 36.63 -9.06
N VAL C 173 7.20 35.36 -8.73
CA VAL C 173 7.18 34.32 -9.74
C VAL C 173 5.76 33.79 -9.91
N ASP C 174 5.25 33.80 -11.14
CA ASP C 174 3.91 33.30 -11.43
C ASP C 174 4.00 31.80 -11.74
N GLN C 175 4.03 30.98 -10.69
CA GLN C 175 4.15 29.52 -10.81
C GLN C 175 3.07 28.90 -11.68
N LEU C 176 1.82 29.28 -11.44
CA LEU C 176 0.70 28.71 -12.18
C LEU C 176 0.94 28.81 -13.67
N LYS C 177 1.19 30.05 -14.11
CA LYS C 177 1.46 30.36 -15.50
C LYS C 177 2.57 29.42 -15.99
N ASN C 178 3.60 29.28 -15.16
CA ASN C 178 4.75 28.44 -15.46
C ASN C 178 4.45 26.96 -15.64
N ILE C 179 3.67 26.38 -14.73
CA ILE C 179 3.37 24.96 -14.84
C ILE C 179 2.47 24.66 -16.01
N ILE C 180 1.58 25.59 -16.33
CA ILE C 180 0.68 25.37 -17.46
C ILE C 180 1.54 25.33 -18.73
N ASN C 181 2.59 26.14 -18.77
CA ASN C 181 3.49 26.17 -19.92
C ASN C 181 4.31 24.89 -19.99
N LEU C 182 4.78 24.42 -18.83
CA LEU C 182 5.58 23.20 -18.79
C LEU C 182 4.78 21.98 -19.29
N ILE C 183 3.53 21.86 -18.84
CA ILE C 183 2.70 20.73 -19.26
C ILE C 183 2.42 20.83 -20.76
N LYS C 184 2.22 22.06 -21.23
CA LYS C 184 1.95 22.30 -22.64
C LYS C 184 3.16 22.08 -23.53
N ASN C 185 4.31 22.62 -23.15
CA ASN C 185 5.50 22.51 -23.99
C ASN C 185 6.59 21.53 -23.58
N ASP C 186 6.63 21.12 -22.31
CA ASP C 186 7.65 20.20 -21.84
C ASP C 186 7.01 19.15 -20.89
N PRO C 187 6.03 18.39 -21.40
CA PRO C 187 5.29 17.36 -20.65
C PRO C 187 6.08 16.26 -19.93
N THR C 188 7.35 16.05 -20.31
CA THR C 188 8.16 15.03 -19.63
C THR C 188 8.99 15.61 -18.49
N SER C 189 8.92 16.93 -18.32
CA SER C 189 9.64 17.59 -17.25
C SER C 189 9.24 17.00 -15.92
N ARG C 190 10.24 16.81 -15.06
CA ARG C 190 10.01 16.26 -13.74
C ARG C 190 10.18 17.40 -12.74
N ARG C 191 9.83 18.60 -13.21
CA ARG C 191 9.93 19.81 -12.42
C ARG C 191 8.65 20.63 -12.48
N ILE C 192 7.52 19.98 -12.73
CA ILE C 192 6.26 20.68 -12.80
C ILE C 192 5.61 20.69 -11.42
N LEU C 193 6.01 21.64 -10.59
CA LEU C 193 5.48 21.75 -9.25
C LEU C 193 4.90 23.12 -8.94
N LEU C 194 3.91 23.12 -8.05
CA LEU C 194 3.27 24.33 -7.62
C LEU C 194 3.58 24.24 -6.14
N CYS C 195 4.13 25.30 -5.56
CA CYS C 195 4.46 25.28 -4.13
C CYS C 195 3.88 26.49 -3.40
N ALA C 196 3.21 26.24 -2.29
CA ALA C 196 2.61 27.32 -1.51
C ALA C 196 3.41 27.60 -0.25
N TRP C 197 4.26 26.65 0.12
CA TRP C 197 5.07 26.77 1.32
C TRP C 197 6.25 27.71 1.13
N ASN C 198 5.96 29.01 1.07
CA ASN C 198 7.04 29.99 0.94
C ASN C 198 7.58 30.20 2.35
N VAL C 199 8.72 29.58 2.65
CA VAL C 199 9.36 29.66 3.96
C VAL C 199 9.53 31.09 4.48
N LYS C 200 9.87 32.00 3.59
CA LYS C 200 10.09 33.39 3.99
C LYS C 200 8.82 34.10 4.46
N ASP C 201 7.69 33.82 3.83
CA ASP C 201 6.45 34.50 4.19
C ASP C 201 5.55 33.81 5.19
N LEU C 202 5.94 32.63 5.66
CA LEU C 202 5.10 31.90 6.60
C LEU C 202 4.50 32.75 7.73
N ASP C 203 5.33 33.40 8.53
CA ASP C 203 4.78 34.20 9.63
C ASP C 203 3.88 35.37 9.21
N GLN C 204 3.94 35.78 7.95
CA GLN C 204 3.09 36.88 7.47
C GLN C 204 1.72 36.39 7.04
N MET C 205 1.59 35.07 6.85
CA MET C 205 0.31 34.46 6.44
C MET C 205 -0.60 34.31 7.66
N ALA C 206 -1.92 34.39 7.47
CA ALA C 206 -2.86 34.21 8.58
C ALA C 206 -2.42 32.93 9.29
N LEU C 207 -2.03 31.94 8.48
CA LEU C 207 -1.49 30.67 8.97
C LEU C 207 -0.85 29.93 7.79
N PRO C 208 0.18 29.11 8.06
CA PRO C 208 0.86 28.37 6.99
C PRO C 208 -0.09 27.46 6.21
N PRO C 209 0.20 27.22 4.92
CA PRO C 209 -0.67 26.36 4.10
C PRO C 209 -0.58 24.88 4.48
N CYS C 210 -1.69 24.16 4.36
CA CYS C 210 -1.70 22.73 4.67
C CYS C 210 -1.34 21.91 3.45
N HIS C 211 -1.58 22.49 2.28
CA HIS C 211 -1.28 21.86 1.01
C HIS C 211 0.02 22.44 0.55
N ILE C 212 1.10 21.73 0.86
CA ILE C 212 2.43 22.18 0.54
C ILE C 212 2.72 22.32 -0.95
N LEU C 213 2.51 21.26 -1.72
CA LEU C 213 2.81 21.33 -3.13
C LEU C 213 2.01 20.35 -3.97
N CYS C 214 2.07 20.59 -5.28
CA CYS C 214 1.42 19.79 -6.30
C CYS C 214 2.51 19.48 -7.29
N GLN C 215 2.51 18.27 -7.84
CA GLN C 215 3.46 17.95 -8.88
C GLN C 215 2.62 17.29 -9.95
N PHE C 216 2.88 17.63 -11.20
CA PHE C 216 2.11 17.03 -12.29
C PHE C 216 2.90 15.99 -13.08
N TYR C 217 2.16 15.15 -13.79
CA TYR C 217 2.75 14.08 -14.58
C TYR C 217 1.90 13.99 -15.83
N VAL C 218 2.56 13.95 -16.98
CA VAL C 218 1.85 13.88 -18.25
C VAL C 218 2.31 12.67 -19.05
N PHE C 219 1.35 11.87 -19.48
CA PHE C 219 1.66 10.70 -20.29
C PHE C 219 0.51 10.29 -21.18
N ASP C 220 0.81 10.11 -22.47
CA ASP C 220 -0.19 9.70 -23.43
C ASP C 220 -1.41 10.62 -23.44
N GLY C 221 -1.16 11.93 -23.35
CA GLY C 221 -2.24 12.89 -23.36
C GLY C 221 -3.10 12.92 -22.10
N LYS C 222 -2.57 12.39 -21.01
CA LYS C 222 -3.28 12.33 -19.73
C LYS C 222 -2.46 12.94 -18.59
N LEU C 223 -3.12 13.82 -17.84
CA LEU C 223 -2.50 14.52 -16.71
C LEU C 223 -2.83 13.91 -15.35
N SER C 224 -1.81 13.70 -14.52
CA SER C 224 -1.98 13.18 -13.17
C SER C 224 -1.40 14.20 -12.18
N CYS C 225 -1.95 14.24 -10.98
CA CYS C 225 -1.50 15.19 -9.98
C CYS C 225 -1.27 14.57 -8.62
N ILE C 226 -0.18 14.98 -7.97
CA ILE C 226 0.16 14.53 -6.63
C ILE C 226 0.19 15.77 -5.75
N MET C 227 -0.56 15.75 -4.65
CA MET C 227 -0.57 16.89 -3.72
C MET C 227 -0.13 16.43 -2.33
N TYR C 228 0.85 17.14 -1.77
CA TYR C 228 1.34 16.79 -0.45
C TYR C 228 0.69 17.66 0.62
N GLN C 229 0.02 17.01 1.58
CA GLN C 229 -0.64 17.75 2.66
C GLN C 229 0.10 17.47 3.96
N ARG C 230 0.61 18.52 4.61
CA ARG C 230 1.37 18.36 5.85
C ARG C 230 0.46 18.05 7.05
N SER C 231 -0.66 18.75 7.13
CA SER C 231 -1.58 18.56 8.23
C SER C 231 -2.92 18.22 7.63
N CYS C 232 -3.49 17.09 8.05
CA CYS C 232 -4.76 16.63 7.51
C CYS C 232 -5.79 16.30 8.57
N ASP C 233 -6.91 17.00 8.49
CA ASP C 233 -8.03 16.85 9.40
C ASP C 233 -9.03 15.92 8.72
N LEU C 234 -8.81 14.62 8.91
CA LEU C 234 -9.64 13.58 8.32
C LEU C 234 -11.13 13.81 8.46
N GLY C 235 -11.56 14.34 9.60
CA GLY C 235 -12.97 14.58 9.82
C GLY C 235 -13.62 15.71 9.03
N LEU C 236 -12.99 16.88 8.99
CA LEU C 236 -13.57 18.02 8.28
C LEU C 236 -12.83 18.47 7.03
N GLY C 237 -11.51 18.54 7.13
CA GLY C 237 -10.71 19.00 6.03
C GLY C 237 -10.57 18.12 4.81
N VAL C 238 -9.95 16.96 5.00
CA VAL C 238 -9.70 16.03 3.91
C VAL C 238 -10.81 15.83 2.88
N PRO C 239 -12.07 15.64 3.32
CA PRO C 239 -13.11 15.46 2.31
C PRO C 239 -13.09 16.57 1.26
N PHE C 240 -12.94 17.82 1.72
CA PHE C 240 -12.91 18.97 0.83
C PHE C 240 -11.59 19.08 0.06
N ASN C 241 -10.51 18.68 0.70
CA ASN C 241 -9.21 18.74 0.05
C ASN C 241 -9.22 17.81 -1.16
N ILE C 242 -9.75 16.62 -0.98
CA ILE C 242 -9.84 15.67 -2.08
C ILE C 242 -10.61 16.30 -3.24
N ALA C 243 -11.80 16.84 -2.94
CA ALA C 243 -12.62 17.46 -3.96
C ALA C 243 -11.90 18.64 -4.63
N SER C 244 -11.36 19.53 -3.82
CA SER C 244 -10.66 20.72 -4.28
C SER C 244 -9.61 20.47 -5.35
N TYR C 245 -8.68 19.55 -5.07
CA TYR C 245 -7.61 19.25 -6.01
C TYR C 245 -8.07 18.40 -7.18
N SER C 246 -9.10 17.60 -6.99
CA SER C 246 -9.61 16.80 -8.10
C SER C 246 -10.15 17.80 -9.11
N ILE C 247 -10.87 18.82 -8.63
CA ILE C 247 -11.40 19.83 -9.52
C ILE C 247 -10.23 20.59 -10.16
N PHE C 248 -9.21 20.91 -9.37
CA PHE C 248 -8.08 21.66 -9.90
C PHE C 248 -7.36 20.87 -10.99
N THR C 249 -7.24 19.57 -10.81
CA THR C 249 -6.59 18.73 -11.81
C THR C 249 -7.36 18.76 -13.12
N HIS C 250 -8.68 18.78 -13.04
CA HIS C 250 -9.53 18.81 -14.23
C HIS C 250 -9.30 20.09 -15.01
N MET C 251 -9.29 21.21 -14.28
CA MET C 251 -9.10 22.52 -14.91
C MET C 251 -7.76 22.60 -15.63
N ILE C 252 -6.68 22.28 -14.92
CA ILE C 252 -5.36 22.33 -15.53
C ILE C 252 -5.34 21.39 -16.75
N ALA C 253 -5.86 20.18 -16.56
CA ALA C 253 -5.89 19.19 -17.62
C ALA C 253 -6.57 19.74 -18.87
N GLN C 254 -7.68 20.44 -18.68
CA GLN C 254 -8.41 20.99 -19.81
C GLN C 254 -7.69 22.10 -20.56
N VAL C 255 -7.28 23.15 -19.84
CA VAL C 255 -6.60 24.29 -20.47
C VAL C 255 -5.28 23.90 -21.11
N CYS C 256 -4.87 22.65 -20.91
CA CYS C 256 -3.62 22.14 -21.48
C CYS C 256 -3.91 21.06 -22.53
N ASN C 257 -5.18 20.93 -22.88
CA ASN C 257 -5.62 19.97 -23.87
C ASN C 257 -5.23 18.53 -23.52
N LEU C 258 -5.52 18.13 -22.29
CA LEU C 258 -5.21 16.78 -21.84
C LEU C 258 -6.45 16.22 -21.13
N GLN C 259 -6.41 14.93 -20.81
CA GLN C 259 -7.52 14.32 -20.09
C GLN C 259 -7.04 14.04 -18.66
N PRO C 260 -7.89 14.32 -17.66
CA PRO C 260 -7.46 14.04 -16.29
C PRO C 260 -7.32 12.55 -16.08
N ALA C 261 -6.38 12.16 -15.23
CA ALA C 261 -6.16 10.76 -14.92
C ALA C 261 -6.22 10.51 -13.41
N GLN C 262 -5.06 10.41 -12.79
CA GLN C 262 -5.01 10.15 -11.35
C GLN C 262 -4.75 11.38 -10.49
N PHE C 263 -5.49 11.49 -9.39
CA PHE C 263 -5.23 12.55 -8.45
C PHE C 263 -4.69 11.77 -7.25
N ILE C 264 -3.45 12.04 -6.89
CA ILE C 264 -2.80 11.34 -5.79
C ILE C 264 -2.67 12.26 -4.58
N HIS C 265 -3.13 11.77 -3.43
CA HIS C 265 -3.13 12.54 -2.20
C HIS C 265 -2.15 11.94 -1.17
N VAL C 266 -1.10 12.67 -0.85
CA VAL C 266 -0.13 12.19 0.12
C VAL C 266 -0.38 12.91 1.44
N LEU C 267 -0.72 12.15 2.47
CA LEU C 267 -1.00 12.71 3.79
C LEU C 267 0.19 12.61 4.73
N GLY C 268 0.62 13.74 5.26
CA GLY C 268 1.73 13.74 6.19
C GLY C 268 1.19 13.41 7.56
N ASN C 269 0.97 14.45 8.37
CA ASN C 269 0.42 14.27 9.70
C ASN C 269 -1.07 14.09 9.50
N ALA C 270 -1.55 12.85 9.57
CA ALA C 270 -2.96 12.57 9.37
C ALA C 270 -3.62 12.37 10.73
N HIS C 271 -4.53 13.27 11.10
CA HIS C 271 -5.17 13.19 12.39
C HIS C 271 -6.69 13.22 12.43
N VAL C 272 -7.23 12.70 13.52
CA VAL C 272 -8.67 12.66 13.77
C VAL C 272 -8.92 13.35 15.12
N TYR C 273 -9.62 14.48 15.08
CA TYR C 273 -9.93 15.22 16.30
C TYR C 273 -10.87 14.41 17.18
N ASN C 274 -10.42 14.13 18.41
CA ASN C 274 -11.20 13.37 19.38
C ASN C 274 -12.68 13.74 19.37
N ASN C 275 -12.99 15.01 19.19
CA ASN C 275 -14.38 15.44 19.20
C ASN C 275 -15.12 15.08 17.91
N HIS C 276 -14.44 14.36 17.02
CA HIS C 276 -15.05 13.94 15.75
C HIS C 276 -15.33 12.44 15.73
N ILE C 277 -14.72 11.70 16.67
CA ILE C 277 -14.88 10.25 16.74
C ILE C 277 -16.28 9.65 16.66
N ASP C 278 -17.23 10.15 17.43
CA ASP C 278 -18.59 9.61 17.39
C ASP C 278 -19.18 9.70 15.98
N SER C 279 -19.04 10.87 15.36
CA SER C 279 -19.56 11.11 14.02
C SER C 279 -18.91 10.18 13.00
N LEU C 280 -17.61 9.98 13.12
CA LEU C 280 -16.91 9.10 12.20
C LEU C 280 -17.36 7.65 12.36
N LYS C 281 -17.59 7.22 13.59
CA LYS C 281 -18.06 5.86 13.85
C LYS C 281 -19.32 5.69 13.02
N ILE C 282 -20.27 6.60 13.21
CA ILE C 282 -21.52 6.55 12.48
C ILE C 282 -21.23 6.41 10.99
N GLN C 283 -20.40 7.31 10.47
CA GLN C 283 -20.04 7.35 9.06
C GLN C 283 -19.42 6.07 8.54
N LEU C 284 -18.45 5.52 9.26
CA LEU C 284 -17.79 4.30 8.82
C LEU C 284 -18.73 3.11 8.61
N ASN C 285 -19.96 3.20 9.11
CA ASN C 285 -20.91 2.11 8.97
C ASN C 285 -21.90 2.34 7.85
N ARG C 286 -21.64 3.36 7.05
CA ARG C 286 -22.49 3.64 5.92
C ARG C 286 -21.77 3.10 4.67
N ILE C 287 -22.53 2.51 3.77
CA ILE C 287 -21.93 1.97 2.55
C ILE C 287 -21.90 3.05 1.48
N PRO C 288 -20.77 3.19 0.80
CA PRO C 288 -20.65 4.21 -0.26
C PRO C 288 -21.61 4.00 -1.43
N TYR C 289 -22.02 5.10 -2.06
CA TYR C 289 -22.88 5.07 -3.25
C TYR C 289 -21.92 5.35 -4.41
N PRO C 290 -22.30 5.01 -5.64
CA PRO C 290 -21.33 5.31 -6.69
C PRO C 290 -21.08 6.80 -6.81
N PHE C 291 -19.83 7.17 -7.03
CA PHE C 291 -19.45 8.58 -7.15
C PHE C 291 -20.16 9.28 -8.29
N PRO C 292 -20.26 10.62 -8.22
CA PRO C 292 -20.91 11.39 -9.27
C PRO C 292 -19.85 11.78 -10.31
N THR C 293 -20.17 12.72 -11.19
CA THR C 293 -19.20 13.15 -12.18
C THR C 293 -19.09 14.67 -12.19
N LEU C 294 -17.98 15.17 -12.72
CA LEU C 294 -17.77 16.61 -12.78
C LEU C 294 -17.73 17.07 -14.23
N LYS C 295 -18.45 18.13 -14.54
CA LYS C 295 -18.46 18.65 -15.89
C LYS C 295 -18.00 20.09 -15.92
N LEU C 296 -17.01 20.37 -16.76
CA LEU C 296 -16.49 21.72 -16.91
C LEU C 296 -16.88 22.26 -18.29
N ASN C 297 -17.26 23.53 -18.33
CA ASN C 297 -17.60 24.15 -19.60
C ASN C 297 -16.35 23.88 -20.46
N PRO C 298 -16.53 23.34 -21.67
CA PRO C 298 -15.37 23.06 -22.51
C PRO C 298 -14.77 24.26 -23.24
N ASP C 299 -15.55 25.33 -23.37
CA ASP C 299 -15.08 26.52 -24.07
C ASP C 299 -13.99 27.28 -23.31
N ILE C 300 -13.88 27.04 -22.01
CA ILE C 300 -12.86 27.72 -21.20
C ILE C 300 -11.49 27.14 -21.56
N LYS C 301 -10.63 27.96 -22.17
CA LYS C 301 -9.31 27.53 -22.59
C LYS C 301 -8.17 28.13 -21.77
N ASN C 302 -8.49 29.11 -20.95
CA ASN C 302 -7.48 29.73 -20.10
C ASN C 302 -7.82 29.45 -18.64
N ILE C 303 -6.80 29.12 -17.85
CA ILE C 303 -6.99 28.81 -16.43
C ILE C 303 -7.63 29.94 -15.65
N GLU C 304 -7.54 31.15 -16.17
CA GLU C 304 -8.09 32.32 -15.51
C GLU C 304 -9.52 32.66 -15.91
N ASP C 305 -10.02 32.03 -16.97
CA ASP C 305 -11.38 32.32 -17.42
C ASP C 305 -12.50 31.49 -16.85
N PHE C 306 -12.24 30.72 -15.80
CA PHE C 306 -13.29 29.91 -15.19
C PHE C 306 -14.18 30.70 -14.24
N THR C 307 -15.45 30.35 -14.19
CA THR C 307 -16.39 31.01 -13.29
C THR C 307 -17.29 29.94 -12.71
N ILE C 308 -17.82 30.20 -11.53
CA ILE C 308 -18.68 29.25 -10.83
C ILE C 308 -19.63 28.44 -11.72
N SER C 309 -20.30 29.11 -12.67
CA SER C 309 -21.23 28.44 -13.55
C SER C 309 -20.63 27.48 -14.57
N ASP C 310 -19.30 27.42 -14.63
CA ASP C 310 -18.65 26.51 -15.58
C ASP C 310 -18.43 25.14 -14.94
N PHE C 311 -18.86 25.00 -13.69
CA PHE C 311 -18.70 23.73 -12.97
C PHE C 311 -20.04 23.10 -12.62
N THR C 312 -20.18 21.82 -12.97
CA THR C 312 -21.40 21.10 -12.69
C THR C 312 -21.14 19.69 -12.18
N ILE C 313 -21.70 19.39 -11.00
CA ILE C 313 -21.55 18.07 -10.40
C ILE C 313 -22.85 17.35 -10.67
N GLN C 314 -22.78 16.19 -11.29
CA GLN C 314 -23.97 15.43 -11.63
C GLN C 314 -24.11 14.08 -10.95
N ASN C 315 -25.35 13.73 -10.63
CA ASN C 315 -25.67 12.46 -10.00
C ASN C 315 -24.96 12.22 -8.69
N TYR C 316 -25.02 13.19 -7.80
CA TYR C 316 -24.40 13.02 -6.51
C TYR C 316 -25.42 12.32 -5.61
N VAL C 317 -25.16 11.05 -5.33
CA VAL C 317 -26.02 10.27 -4.44
C VAL C 317 -25.22 10.15 -3.16
N HIS C 318 -25.80 10.61 -2.06
CA HIS C 318 -25.08 10.61 -0.79
C HIS C 318 -25.99 10.39 0.41
N HIS C 319 -25.41 9.93 1.50
CA HIS C 319 -26.13 9.71 2.76
C HIS C 319 -26.43 11.10 3.29
N GLU C 320 -27.12 11.18 4.42
CA GLU C 320 -27.45 12.50 4.93
C GLU C 320 -26.29 13.22 5.59
N LYS C 321 -26.44 14.54 5.65
CA LYS C 321 -25.48 15.46 6.25
C LYS C 321 -25.09 15.00 7.65
N ILE C 322 -23.87 15.30 8.05
CA ILE C 322 -23.39 14.93 9.38
C ILE C 322 -22.55 16.07 9.93
N SER C 323 -22.85 16.46 11.16
CA SER C 323 -22.06 17.49 11.83
C SER C 323 -21.01 16.68 12.56
N MET C 324 -19.76 16.90 12.23
CA MET C 324 -18.68 16.14 12.85
C MET C 324 -18.55 16.41 14.35
N ASP C 325 -19.36 17.34 14.83
CA ASP C 325 -19.31 17.81 16.21
C ASP C 325 -20.72 17.89 16.80
N MET C 326 -21.44 16.78 16.87
CA MET C 326 -22.82 16.74 17.37
C MET C 326 -23.05 16.97 18.87
N ALA C 327 -24.05 17.78 19.20
CA ALA C 327 -24.40 18.11 20.60
C ALA C 327 -25.80 17.65 21.05
N ALA C 328 -26.82 18.46 20.74
CA ALA C 328 -28.22 18.20 21.11
C ALA C 328 -28.66 16.75 21.30
N ASP D 1 -15.23 -16.60 7.99
CA ASP D 1 -14.96 -17.45 6.80
C ASP D 1 -16.10 -18.46 6.62
N ASP D 2 -17.06 -18.13 5.74
CA ASP D 2 -18.19 -19.01 5.47
C ASP D 2 -17.64 -20.24 4.73
N ASP D 3 -17.61 -20.12 3.41
CA ASP D 3 -17.09 -21.17 2.54
C ASP D 3 -16.22 -20.55 1.46
N ASP D 4 -16.02 -21.28 0.38
CA ASP D 4 -15.17 -20.81 -0.71
C ASP D 4 -15.83 -19.92 -1.75
N GLU D 5 -17.10 -20.16 -2.06
CA GLU D 5 -17.78 -19.36 -3.08
C GLU D 5 -17.39 -17.89 -3.04
N GLU D 6 -17.16 -17.35 -1.84
CA GLU D 6 -16.78 -15.95 -1.70
C GLU D 6 -15.46 -15.68 -2.46
N GLU D 7 -14.86 -16.74 -2.99
CA GLU D 7 -13.63 -16.62 -3.76
C GLU D 7 -14.01 -16.41 -5.21
N ASP D 8 -15.24 -16.78 -5.55
CA ASP D 8 -15.76 -16.58 -6.90
C ASP D 8 -16.07 -15.10 -7.06
N ASP D 9 -16.63 -14.51 -6.00
CA ASP D 9 -16.96 -13.10 -6.01
C ASP D 9 -15.70 -12.30 -6.32
N PHE D 10 -14.56 -12.83 -5.86
CA PHE D 10 -13.29 -12.17 -6.09
C PHE D 10 -12.98 -12.13 -7.59
N VAL D 11 -13.35 -13.19 -8.31
CA VAL D 11 -13.10 -13.24 -9.74
C VAL D 11 -13.99 -12.28 -10.51
N TYR D 12 -15.24 -12.14 -10.08
CA TYR D 12 -16.16 -11.23 -10.77
C TYR D 12 -15.65 -9.80 -10.67
N PHE D 13 -15.26 -9.38 -9.47
CA PHE D 13 -14.76 -8.03 -9.26
C PHE D 13 -13.52 -7.74 -10.07
N ASN D 14 -12.84 -8.79 -10.50
CA ASN D 14 -11.63 -8.67 -11.31
C ASN D 14 -11.92 -8.87 -12.78
N PHE D 15 -13.18 -8.73 -13.16
CA PHE D 15 -13.60 -8.94 -14.54
C PHE D 15 -13.01 -7.94 -15.53
N ASN D 16 -12.59 -6.78 -15.06
CA ASN D 16 -12.07 -5.77 -15.99
C ASN D 16 -10.56 -5.63 -16.05
N LYS D 17 -9.84 -6.29 -15.15
CA LYS D 17 -8.39 -6.20 -15.13
C LYS D 17 -7.73 -6.55 -16.48
N GLU D 18 -6.41 -6.38 -16.53
CA GLU D 18 -5.64 -6.67 -17.74
C GLU D 18 -5.16 -8.12 -17.80
N LYS D 19 -5.40 -8.77 -18.94
CA LYS D 19 -5.03 -10.17 -19.13
C LYS D 19 -4.29 -10.53 -20.44
N GLU D 20 -3.29 -9.75 -20.82
CA GLU D 20 -2.54 -10.06 -22.05
C GLU D 20 -1.17 -10.62 -21.71
N GLU D 21 -0.76 -11.64 -22.45
CA GLU D 21 0.53 -12.29 -22.21
C GLU D 21 1.64 -11.27 -22.37
N LYS D 22 1.73 -10.65 -23.55
CA LYS D 22 2.74 -9.64 -23.79
C LYS D 22 2.43 -8.37 -22.98
N ASN D 23 2.65 -8.43 -21.66
CA ASN D 23 2.40 -7.29 -20.81
C ASN D 23 3.09 -6.08 -21.43
N LYS D 24 2.57 -4.92 -21.08
CA LYS D 24 3.00 -3.64 -21.58
C LYS D 24 4.49 -3.50 -21.87
N ASN D 25 5.35 -4.06 -21.03
CA ASN D 25 6.78 -3.92 -21.25
C ASN D 25 7.52 -5.19 -21.71
N SER D 26 8.36 -4.99 -22.73
CA SER D 26 9.16 -6.04 -23.38
C SER D 26 10.25 -6.73 -22.57
N ILE D 27 9.86 -7.33 -21.46
CA ILE D 27 10.80 -8.08 -20.64
C ILE D 27 10.15 -9.42 -20.37
N HIS D 28 10.95 -10.47 -20.39
CA HIS D 28 10.45 -11.81 -20.17
C HIS D 28 10.81 -12.26 -18.76
N PRO D 29 9.84 -12.17 -17.83
CA PRO D 29 9.99 -12.55 -16.42
C PRO D 29 10.73 -13.85 -16.16
N ASN D 30 11.07 -14.59 -17.22
CA ASN D 30 11.82 -15.82 -17.04
C ASN D 30 13.18 -15.47 -16.43
N ASP D 31 13.54 -14.20 -16.54
CA ASP D 31 14.80 -13.71 -16.00
C ASP D 31 14.66 -13.40 -14.52
N PHE D 32 13.46 -13.00 -14.10
CA PHE D 32 13.17 -12.70 -12.69
C PHE D 32 12.78 -14.01 -12.04
N GLN D 33 13.36 -15.10 -12.54
CA GLN D 33 13.08 -16.44 -12.06
C GLN D 33 13.18 -16.55 -10.54
N ILE D 34 14.31 -16.13 -9.99
CA ILE D 34 14.50 -16.20 -8.55
C ILE D 34 13.48 -15.31 -7.85
N TYR D 35 13.39 -14.06 -8.31
CA TYR D 35 12.48 -13.07 -7.73
C TYR D 35 11.06 -13.60 -7.56
N ASN D 36 10.54 -14.20 -8.63
CA ASN D 36 9.18 -14.74 -8.62
C ASN D 36 9.04 -16.08 -7.90
N SER D 37 10.12 -16.83 -7.76
CA SER D 37 10.04 -18.12 -7.08
C SER D 37 9.94 -17.90 -5.58
N LEU D 38 10.07 -16.65 -5.16
CA LEU D 38 9.95 -16.32 -3.74
C LEU D 38 8.50 -16.24 -3.34
N LYS D 39 8.17 -16.88 -2.22
CA LYS D 39 6.80 -16.88 -1.73
C LYS D 39 6.59 -15.65 -0.85
N TYR D 40 7.30 -15.61 0.28
CA TYR D 40 7.18 -14.49 1.19
C TYR D 40 8.40 -13.60 1.11
N LYS D 41 8.18 -12.34 0.76
CA LYS D 41 9.25 -11.38 0.63
C LYS D 41 8.99 -10.21 1.58
N TYR D 42 9.21 -10.44 2.88
CA TYR D 42 8.99 -9.42 3.88
C TYR D 42 10.23 -8.60 4.26
N HIS D 43 11.38 -8.90 3.68
CA HIS D 43 12.58 -8.12 3.99
C HIS D 43 12.32 -6.71 3.45
N PRO D 44 12.54 -5.68 4.27
CA PRO D 44 12.31 -4.29 3.86
C PRO D 44 12.89 -3.90 2.50
N GLU D 45 14.02 -4.48 2.12
CA GLU D 45 14.62 -4.16 0.84
C GLU D 45 13.65 -4.39 -0.32
N TYR D 46 12.68 -5.27 -0.15
CA TYR D 46 11.74 -5.52 -1.22
C TYR D 46 10.83 -4.33 -1.51
N GLN D 47 10.74 -3.39 -0.58
CA GLN D 47 9.89 -2.24 -0.84
C GLN D 47 10.50 -1.53 -2.02
N TYR D 48 11.83 -1.55 -2.09
CA TYR D 48 12.57 -0.92 -3.18
C TYR D 48 12.44 -1.80 -4.41
N LEU D 49 12.87 -3.04 -4.26
CA LEU D 49 12.85 -4.03 -5.33
C LEU D 49 11.50 -4.12 -6.03
N ASN D 50 10.42 -4.21 -5.25
CA ASN D 50 9.08 -4.32 -5.84
C ASN D 50 8.74 -3.12 -6.71
N ILE D 51 9.22 -1.95 -6.31
CA ILE D 51 8.95 -0.74 -7.09
C ILE D 51 9.66 -0.84 -8.43
N ILE D 52 10.91 -1.31 -8.38
CA ILE D 52 11.70 -1.49 -9.58
C ILE D 52 11.01 -2.48 -10.50
N TYR D 53 10.45 -3.53 -9.92
CA TYR D 53 9.72 -4.55 -10.69
C TYR D 53 8.47 -3.93 -11.31
N ASP D 54 7.73 -3.17 -10.51
CA ASP D 54 6.50 -2.55 -11.00
C ASP D 54 6.78 -1.59 -12.14
N ILE D 55 7.78 -0.74 -11.99
CA ILE D 55 8.10 0.20 -13.06
C ILE D 55 8.54 -0.57 -14.31
N MET D 56 9.25 -1.68 -14.11
CA MET D 56 9.70 -2.48 -15.24
C MET D 56 8.55 -3.19 -15.94
N MET D 57 7.61 -3.72 -15.15
CA MET D 57 6.46 -4.44 -15.71
C MET D 57 5.31 -3.55 -16.19
N ASN D 58 5.15 -2.38 -15.59
CA ASN D 58 4.06 -1.50 -15.96
C ASN D 58 4.42 -0.06 -16.27
N GLY D 59 5.71 0.25 -16.23
CA GLY D 59 6.14 1.62 -16.51
C GLY D 59 5.82 2.16 -17.90
N ASN D 60 5.60 3.46 -17.98
CA ASN D 60 5.31 4.10 -19.26
C ASN D 60 6.61 4.47 -19.95
N LYS D 61 6.71 4.15 -21.23
CA LYS D 61 7.90 4.50 -21.99
C LYS D 61 7.85 6.00 -22.25
N GLN D 62 8.87 6.72 -21.81
CA GLN D 62 8.95 8.17 -21.99
C GLN D 62 10.37 8.60 -22.35
N SER D 63 10.48 9.75 -23.01
CA SER D 63 11.79 10.29 -23.36
C SER D 63 12.08 11.24 -22.21
N ASP D 64 13.28 11.81 -22.14
CA ASP D 64 13.55 12.73 -21.05
C ASP D 64 14.61 13.78 -21.35
N ARG D 65 14.84 14.64 -20.36
CA ARG D 65 15.81 15.73 -20.45
C ARG D 65 17.19 15.25 -20.92
N THR D 66 17.35 13.94 -21.02
CA THR D 66 18.62 13.36 -21.47
C THR D 66 18.48 12.62 -22.81
N GLY D 67 17.27 12.20 -23.15
CA GLY D 67 17.03 11.48 -24.39
C GLY D 67 17.23 9.98 -24.23
N VAL D 68 17.97 9.60 -23.19
CA VAL D 68 18.29 8.20 -22.89
C VAL D 68 17.04 7.32 -22.94
N GLY D 69 15.93 7.86 -22.48
CA GLY D 69 14.69 7.10 -22.47
C GLY D 69 14.51 6.45 -21.12
N VAL D 70 13.26 6.38 -20.65
CA VAL D 70 13.00 5.77 -19.36
C VAL D 70 11.64 5.10 -19.30
N LEU D 71 11.42 4.45 -18.16
CA LEU D 71 10.17 3.78 -17.84
C LEU D 71 9.77 4.49 -16.56
N SER D 72 8.56 5.01 -16.48
CA SER D 72 8.20 5.73 -15.26
C SER D 72 6.78 5.53 -14.77
N LYS D 73 6.59 5.70 -13.47
CA LYS D 73 5.28 5.60 -12.81
C LYS D 73 5.20 6.85 -11.93
N PHE D 74 4.03 7.17 -11.40
CA PHE D 74 3.87 8.36 -10.57
C PHE D 74 3.25 8.01 -9.20
N GLY D 75 3.96 8.36 -8.13
CA GLY D 75 3.47 8.08 -6.79
C GLY D 75 3.79 6.72 -6.21
N TYR D 76 4.66 6.70 -5.20
CA TYR D 76 5.07 5.47 -4.50
C TYR D 76 5.41 5.86 -3.08
N ILE D 77 5.35 4.90 -2.17
CA ILE D 77 5.69 5.20 -0.79
C ILE D 77 6.48 4.04 -0.17
N MET D 78 7.60 4.37 0.47
CA MET D 78 8.43 3.35 1.12
C MET D 78 8.61 3.72 2.59
N LYS D 79 8.59 2.74 3.47
CA LYS D 79 8.78 3.00 4.89
C LYS D 79 9.80 2.04 5.50
N PHE D 80 10.84 2.60 6.11
CA PHE D 80 11.89 1.80 6.74
C PHE D 80 11.88 2.07 8.24
N ASP D 81 12.01 1.01 9.04
CA ASP D 81 11.98 1.16 10.49
C ASP D 81 13.40 1.34 11.04
N LEU D 82 13.79 2.58 11.25
CA LEU D 82 15.12 2.91 11.73
C LEU D 82 15.48 2.35 13.12
N SER D 83 14.48 1.82 13.82
CA SER D 83 14.70 1.26 15.16
C SER D 83 15.18 -0.19 15.05
N GLN D 84 14.92 -0.80 13.90
CA GLN D 84 15.29 -2.19 13.67
C GLN D 84 16.45 -2.34 12.71
N TYR D 85 16.79 -1.29 11.97
CA TYR D 85 17.90 -1.41 11.02
C TYR D 85 18.18 -0.15 10.21
N PHE D 86 19.36 -0.14 9.60
CA PHE D 86 19.74 0.95 8.72
C PHE D 86 19.53 0.36 7.33
N PRO D 87 18.57 0.93 6.57
CA PRO D 87 18.20 0.50 5.22
C PRO D 87 19.19 0.73 4.09
N LEU D 88 20.38 0.15 4.20
CA LEU D 88 21.39 0.29 3.15
C LEU D 88 21.25 -0.92 2.26
N LEU D 89 20.88 -0.71 0.99
CA LEU D 89 20.68 -1.83 0.07
C LEU D 89 21.79 -2.87 0.16
N THR D 90 21.38 -4.14 0.19
CA THR D 90 22.34 -5.23 0.29
C THR D 90 22.46 -6.03 -1.02
N THR D 91 21.56 -5.78 -1.95
CA THR D 91 21.59 -6.49 -3.23
C THR D 91 22.64 -5.90 -4.18
N LYS D 92 23.49 -5.03 -3.64
CA LYS D 92 24.56 -4.40 -4.40
C LYS D 92 25.39 -3.58 -3.40
N LYS D 93 26.63 -3.27 -3.76
CA LYS D 93 27.51 -2.53 -2.86
C LYS D 93 27.34 -1.01 -2.94
N LEU D 94 27.14 -0.40 -1.78
CA LEU D 94 26.96 1.04 -1.68
C LEU D 94 28.02 1.68 -0.77
N PHE D 95 28.58 2.80 -1.22
CA PHE D 95 29.59 3.53 -0.47
C PHE D 95 28.89 4.74 0.14
N LEU D 96 29.21 5.09 1.37
CA LEU D 96 28.53 6.21 2.02
C LEU D 96 29.34 7.44 2.42
N ARG D 97 30.66 7.39 2.27
CA ARG D 97 31.49 8.55 2.63
C ARG D 97 31.03 9.80 1.83
N GLY D 98 30.97 9.66 0.52
CA GLY D 98 30.56 10.78 -0.30
C GLY D 98 29.28 11.41 0.18
N ILE D 99 28.22 10.60 0.31
CA ILE D 99 26.95 11.16 0.73
C ILE D 99 26.95 11.73 2.16
N ILE D 100 27.75 11.19 3.06
CA ILE D 100 27.77 11.75 4.41
C ILE D 100 28.42 13.13 4.34
N GLU D 101 29.49 13.26 3.57
CA GLU D 101 30.17 14.55 3.43
C GLU D 101 29.21 15.55 2.77
N GLU D 102 28.42 15.07 1.82
CA GLU D 102 27.45 15.94 1.14
C GLU D 102 26.49 16.45 2.19
N LEU D 103 26.06 15.56 3.06
CA LEU D 103 25.14 15.91 4.11
C LEU D 103 25.75 16.97 5.03
N LEU D 104 27.01 16.77 5.43
CA LEU D 104 27.67 17.74 6.30
C LEU D 104 27.79 19.06 5.56
N TRP D 105 28.01 18.96 4.26
CA TRP D 105 28.12 20.13 3.38
C TRP D 105 26.79 20.89 3.41
N PHE D 106 25.67 20.17 3.36
CA PHE D 106 24.35 20.80 3.42
C PHE D 106 24.18 21.53 4.76
N ILE D 107 24.44 20.82 5.85
CA ILE D 107 24.32 21.40 7.18
C ILE D 107 25.12 22.69 7.36
N ARG D 108 26.25 22.80 6.67
CA ARG D 108 27.06 24.01 6.78
C ARG D 108 26.48 25.14 5.90
N GLY D 109 25.55 24.79 5.01
CA GLY D 109 24.95 25.78 4.14
C GLY D 109 25.83 26.14 2.96
N GLU D 110 26.81 25.30 2.66
CA GLU D 110 27.72 25.54 1.56
C GLU D 110 27.13 25.40 0.18
N THR D 111 27.64 26.17 -0.77
CA THR D 111 27.18 26.11 -2.15
C THR D 111 28.40 25.95 -3.05
N ASN D 112 29.57 25.90 -2.43
CA ASN D 112 30.84 25.76 -3.14
C ASN D 112 31.14 24.30 -3.47
N GLY D 113 31.07 23.96 -4.74
CA GLY D 113 31.35 22.59 -5.13
C GLY D 113 32.79 22.15 -4.94
N ASN D 114 33.70 23.12 -4.90
CA ASN D 114 35.12 22.82 -4.72
C ASN D 114 35.33 22.14 -3.38
N THR D 115 34.58 22.57 -2.38
CA THR D 115 34.68 22.00 -1.05
C THR D 115 34.53 20.49 -1.09
N LEU D 116 33.68 19.99 -1.99
CA LEU D 116 33.48 18.56 -2.10
C LEU D 116 34.51 17.94 -3.03
N LEU D 117 34.78 18.62 -4.14
CA LEU D 117 35.77 18.13 -5.10
C LEU D 117 37.13 17.89 -4.46
N ASN D 118 37.53 18.75 -3.52
CA ASN D 118 38.81 18.61 -2.84
C ASN D 118 38.83 17.43 -1.85
N LYS D 119 37.65 16.86 -1.60
CA LYS D 119 37.53 15.71 -0.69
C LYS D 119 37.18 14.53 -1.58
N ASN D 120 37.27 14.75 -2.89
CA ASN D 120 36.97 13.74 -3.89
C ASN D 120 35.55 13.22 -3.85
N VAL D 121 34.61 14.10 -3.51
CA VAL D 121 33.20 13.76 -3.49
C VAL D 121 32.69 14.48 -4.72
N ARG D 122 32.52 13.72 -5.80
CA ARG D 122 32.11 14.27 -7.09
C ARG D 122 30.64 14.16 -7.46
N ILE D 123 29.78 14.16 -6.46
CA ILE D 123 28.35 14.08 -6.68
C ILE D 123 27.91 15.27 -7.54
N TRP D 124 28.42 16.46 -7.24
CA TRP D 124 28.02 17.67 -7.96
C TRP D 124 28.94 18.19 -9.07
N GLU D 125 30.06 17.53 -9.31
CA GLU D 125 31.00 17.99 -10.34
C GLU D 125 30.41 18.27 -11.72
N ALA D 126 29.59 17.37 -12.24
CA ALA D 126 29.04 17.60 -13.56
C ALA D 126 28.09 18.80 -13.60
N ASN D 127 27.51 19.15 -12.46
CA ASN D 127 26.58 20.27 -12.42
C ASN D 127 27.25 21.62 -12.24
N GLY D 128 28.58 21.61 -12.07
CA GLY D 128 29.31 22.84 -11.89
C GLY D 128 30.26 23.22 -13.01
N THR D 129 30.21 22.50 -14.13
CA THR D 129 31.12 22.82 -15.22
C THR D 129 30.65 24.08 -15.95
N ARG D 130 31.56 24.73 -16.66
CA ARG D 130 31.24 25.93 -17.43
C ARG D 130 30.09 25.60 -18.37
N GLU D 131 30.28 24.52 -19.12
CA GLU D 131 29.28 24.06 -20.07
C GLU D 131 27.90 23.90 -19.43
N PHE D 132 27.83 23.18 -18.31
CA PHE D 132 26.55 22.97 -17.65
C PHE D 132 25.92 24.27 -17.17
N LEU D 133 26.71 25.12 -16.54
CA LEU D 133 26.17 26.39 -16.07
C LEU D 133 25.68 27.24 -17.23
N ASP D 134 26.46 27.27 -18.31
CA ASP D 134 26.10 28.07 -19.47
C ASP D 134 24.80 27.59 -20.10
N ASN D 135 24.55 26.28 -20.04
CA ASN D 135 23.32 25.76 -20.63
C ASN D 135 22.13 26.08 -19.73
N ARG D 136 22.41 26.35 -18.45
CA ARG D 136 21.39 26.72 -17.47
C ARG D 136 21.21 28.23 -17.56
N LYS D 137 21.90 28.82 -18.52
CA LYS D 137 21.90 30.27 -18.74
C LYS D 137 22.54 31.02 -17.58
N LEU D 138 23.44 30.34 -16.86
CA LEU D 138 24.16 30.94 -15.73
C LEU D 138 25.55 31.40 -16.21
N PHE D 139 25.53 32.22 -17.25
CA PHE D 139 26.74 32.74 -17.85
C PHE D 139 27.66 33.47 -16.89
N HIS D 140 27.10 33.96 -15.78
CA HIS D 140 27.91 34.72 -14.84
C HIS D 140 28.26 33.99 -13.55
N ARG D 141 27.93 32.70 -13.50
CA ARG D 141 28.23 31.93 -12.30
C ARG D 141 29.62 31.31 -12.43
N GLU D 142 30.41 31.32 -11.36
CA GLU D 142 31.75 30.74 -11.38
C GLU D 142 31.65 29.21 -11.41
N VAL D 143 32.60 28.56 -12.07
CA VAL D 143 32.58 27.11 -12.14
C VAL D 143 32.51 26.55 -10.73
N ASN D 144 31.58 25.62 -10.52
CA ASN D 144 31.39 24.98 -9.22
C ASN D 144 30.67 25.84 -8.18
N ASP D 145 30.24 27.04 -8.58
CA ASP D 145 29.47 27.87 -7.69
C ASP D 145 28.06 27.38 -8.07
N LEU D 146 27.49 26.51 -7.25
CA LEU D 146 26.19 25.93 -7.55
C LEU D 146 24.94 26.76 -7.32
N GLY D 147 25.09 27.98 -6.81
CA GLY D 147 23.93 28.81 -6.57
C GLY D 147 23.25 28.47 -5.26
N PRO D 148 22.09 29.10 -4.97
CA PRO D 148 21.30 28.88 -3.75
C PRO D 148 20.64 27.51 -3.64
N ILE D 149 21.45 26.46 -3.63
CA ILE D 149 20.93 25.10 -3.53
C ILE D 149 20.83 24.65 -2.07
N TYR D 150 20.25 23.46 -1.88
CA TYR D 150 20.05 22.84 -0.57
C TYR D 150 20.57 23.60 0.64
N GLY D 151 21.87 23.48 0.86
CA GLY D 151 22.52 24.13 1.99
C GLY D 151 22.13 25.58 2.19
N PHE D 152 22.11 26.35 1.11
CA PHE D 152 21.77 27.75 1.22
C PHE D 152 20.34 27.92 1.73
N GLN D 153 19.42 27.15 1.15
CA GLN D 153 18.02 27.22 1.52
C GLN D 153 17.78 26.74 2.96
N TRP D 154 18.55 25.74 3.40
CA TRP D 154 18.41 25.19 4.75
C TRP D 154 18.80 26.20 5.83
N ARG D 155 19.82 27.00 5.57
CA ARG D 155 20.30 27.98 6.56
C ARG D 155 20.09 29.45 6.23
N HIS D 156 19.58 29.76 5.03
CA HIS D 156 19.41 31.16 4.65
C HIS D 156 18.25 31.45 3.72
N PHE D 157 17.26 30.55 3.68
CA PHE D 157 16.10 30.73 2.80
C PHE D 157 15.61 32.17 2.86
N GLY D 158 15.55 32.82 1.71
CA GLY D 158 15.09 34.20 1.65
C GLY D 158 16.20 35.18 1.33
N ALA D 159 17.41 34.87 1.77
CA ALA D 159 18.55 35.74 1.52
C ALA D 159 18.88 35.89 0.04
N GLU D 160 19.53 37.00 -0.29
CA GLU D 160 19.93 37.29 -1.66
C GLU D 160 21.27 36.60 -1.93
N TYR D 161 21.29 35.69 -2.91
CA TYR D 161 22.52 34.98 -3.22
C TYR D 161 23.44 35.85 -4.07
N THR D 162 24.72 35.89 -3.72
CA THR D 162 25.69 36.68 -4.47
C THR D 162 26.71 35.76 -5.13
N ASN D 163 27.59 35.16 -4.34
CA ASN D 163 28.57 34.20 -4.87
C ASN D 163 28.87 33.24 -3.73
N MET D 164 29.38 32.05 -4.06
CA MET D 164 29.66 31.03 -3.05
C MET D 164 30.60 31.44 -1.94
N TYR D 165 31.35 32.51 -2.16
CA TYR D 165 32.32 32.96 -1.17
C TYR D 165 31.82 34.01 -0.20
N ASP D 166 30.64 34.58 -0.45
CA ASP D 166 30.12 35.61 0.42
C ASP D 166 29.78 35.11 1.82
N ASN D 167 29.64 36.05 2.74
CA ASN D 167 29.31 35.75 4.13
C ASN D 167 27.80 35.92 4.25
N TYR D 168 27.10 34.88 4.66
CA TYR D 168 25.65 34.94 4.79
C TYR D 168 25.19 34.81 6.26
N GLU D 169 26.13 34.78 7.20
CA GLU D 169 25.78 34.65 8.59
C GLU D 169 24.60 35.52 8.96
N ASN D 170 23.59 34.92 9.57
CA ASN D 170 22.40 35.63 10.01
C ASN D 170 21.58 36.31 8.93
N LYS D 171 21.73 35.86 7.69
CA LYS D 171 20.95 36.40 6.59
C LYS D 171 20.00 35.27 6.17
N GLY D 172 18.73 35.59 6.03
CA GLY D 172 17.75 34.60 5.64
C GLY D 172 17.31 33.68 6.78
N VAL D 173 16.23 32.94 6.55
CA VAL D 173 15.66 32.03 7.54
C VAL D 173 16.40 30.71 7.71
N ASP D 174 16.86 30.46 8.94
CA ASP D 174 17.57 29.22 9.26
C ASP D 174 16.54 28.16 9.63
N GLN D 175 16.04 27.44 8.63
CA GLN D 175 15.04 26.41 8.85
C GLN D 175 15.61 25.30 9.72
N LEU D 176 16.82 24.86 9.40
CA LEU D 176 17.45 23.79 10.15
C LEU D 176 17.38 24.06 11.65
N LYS D 177 17.69 25.28 12.04
CA LYS D 177 17.62 25.63 13.44
C LYS D 177 16.17 25.69 13.90
N ASN D 178 15.31 26.25 13.07
CA ASN D 178 13.91 26.37 13.44
C ASN D 178 13.24 25.03 13.69
N ILE D 179 13.55 24.02 12.89
CA ILE D 179 12.94 22.70 13.08
C ILE D 179 13.47 22.01 14.31
N ILE D 180 14.77 22.12 14.56
CA ILE D 180 15.34 21.48 15.73
C ILE D 180 14.66 22.07 16.96
N ASN D 181 14.46 23.38 16.95
CA ASN D 181 13.80 24.03 18.08
C ASN D 181 12.35 23.59 18.18
N LEU D 182 11.70 23.40 17.05
CA LEU D 182 10.31 22.96 17.03
C LEU D 182 10.19 21.54 17.59
N ILE D 183 11.15 20.69 17.26
CA ILE D 183 11.15 19.32 17.76
C ILE D 183 11.31 19.29 19.28
N LYS D 184 12.23 20.11 19.78
CA LYS D 184 12.52 20.21 21.22
C LYS D 184 11.44 20.89 22.06
N ASN D 185 10.89 21.99 21.56
CA ASN D 185 9.88 22.74 22.30
C ASN D 185 8.41 22.56 21.91
N ASP D 186 8.14 22.16 20.67
CA ASP D 186 6.76 22.00 20.23
C ASP D 186 6.57 20.72 19.41
N PRO D 187 7.06 19.58 19.94
CA PRO D 187 6.98 18.25 19.30
C PRO D 187 5.70 17.85 18.58
N THR D 188 4.53 18.27 19.08
CA THR D 188 3.28 17.91 18.42
C THR D 188 2.89 18.91 17.34
N SER D 189 3.85 19.76 16.95
CA SER D 189 3.58 20.73 15.89
C SER D 189 3.45 19.99 14.58
N ARG D 190 2.68 20.54 13.66
CA ARG D 190 2.51 19.91 12.39
C ARG D 190 3.11 20.80 11.32
N ARG D 191 4.04 21.64 11.74
CA ARG D 191 4.70 22.58 10.84
C ARG D 191 6.19 22.39 10.85
N ILE D 192 6.61 21.21 11.29
CA ILE D 192 8.03 20.90 11.34
C ILE D 192 8.51 20.42 9.96
N LEU D 193 8.78 21.36 9.06
CA LEU D 193 9.25 21.02 7.71
C LEU D 193 10.52 21.75 7.32
N LEU D 194 11.29 21.11 6.44
CA LEU D 194 12.53 21.69 5.93
C LEU D 194 12.28 21.69 4.42
N CYS D 195 12.21 22.88 3.82
CA CYS D 195 11.92 22.98 2.39
C CYS D 195 13.08 23.54 1.58
N ALA D 196 13.46 22.82 0.53
CA ALA D 196 14.55 23.22 -0.34
C ALA D 196 14.05 23.82 -1.64
N TRP D 197 12.78 23.54 -1.97
CA TRP D 197 12.21 24.07 -3.21
C TRP D 197 11.83 25.56 -3.07
N ASN D 198 12.83 26.44 -3.21
CA ASN D 198 12.59 27.87 -3.10
C ASN D 198 12.21 28.36 -4.50
N VAL D 199 10.92 28.45 -4.76
CA VAL D 199 10.44 28.87 -6.08
C VAL D 199 11.18 30.09 -6.64
N LYS D 200 11.46 31.08 -5.82
CA LYS D 200 12.15 32.29 -6.28
C LYS D 200 13.58 32.10 -6.73
N ASP D 201 14.27 31.10 -6.21
CA ASP D 201 15.67 30.87 -6.58
C ASP D 201 15.93 29.71 -7.51
N LEU D 202 14.88 28.99 -7.91
CA LEU D 202 15.08 27.83 -8.77
C LEU D 202 16.02 28.11 -9.94
N ASP D 203 15.71 29.11 -10.75
CA ASP D 203 16.54 29.42 -11.91
C ASP D 203 17.98 29.79 -11.63
N GLN D 204 18.27 30.21 -10.40
CA GLN D 204 19.64 30.58 -10.04
C GLN D 204 20.42 29.34 -9.58
N MET D 205 19.73 28.24 -9.35
CA MET D 205 20.39 27.01 -8.91
C MET D 205 20.99 26.27 -10.10
N ALA D 206 22.10 25.55 -9.88
CA ALA D 206 22.69 24.78 -10.97
C ALA D 206 21.54 23.94 -11.51
N LEU D 207 20.69 23.48 -10.60
CA LEU D 207 19.50 22.68 -10.97
C LEU D 207 18.57 22.58 -9.77
N PRO D 208 17.25 22.55 -10.02
CA PRO D 208 16.29 22.46 -8.92
C PRO D 208 16.55 21.20 -8.07
N PRO D 209 16.25 21.25 -6.77
CA PRO D 209 16.48 20.10 -5.89
C PRO D 209 15.54 18.93 -6.18
N CYS D 210 15.99 17.71 -5.93
CA CYS D 210 15.14 16.54 -6.14
C CYS D 210 14.40 16.26 -4.85
N HIS D 211 15.08 16.46 -3.73
CA HIS D 211 14.48 16.26 -2.42
C HIS D 211 13.79 17.58 -2.09
N ILE D 212 12.50 17.67 -2.43
CA ILE D 212 11.74 18.88 -2.20
C ILE D 212 11.65 19.30 -0.73
N LEU D 213 11.27 18.36 0.14
CA LEU D 213 11.12 18.71 1.55
C LEU D 213 11.13 17.55 2.53
N CYS D 214 11.12 17.92 3.81
CA CYS D 214 11.14 16.98 4.92
C CYS D 214 10.12 17.42 5.96
N GLN D 215 9.29 16.48 6.40
CA GLN D 215 8.35 16.81 7.46
C GLN D 215 8.70 15.86 8.61
N PHE D 216 8.65 16.37 9.83
CA PHE D 216 8.98 15.56 11.00
C PHE D 216 7.77 15.28 11.88
N TYR D 217 7.83 14.15 12.58
CA TYR D 217 6.75 13.72 13.45
C TYR D 217 7.33 13.21 14.76
N VAL D 218 6.77 13.68 15.87
CA VAL D 218 7.28 13.28 17.17
C VAL D 218 6.23 12.65 18.07
N PHE D 219 6.48 11.42 18.51
CA PHE D 219 5.56 10.77 19.43
C PHE D 219 6.28 9.87 20.41
N ASP D 220 5.97 10.07 21.69
CA ASP D 220 6.58 9.29 22.77
C ASP D 220 8.10 9.11 22.63
N GLY D 221 8.80 10.24 22.50
CA GLY D 221 10.25 10.22 22.39
C GLY D 221 10.81 9.60 21.14
N LYS D 222 9.98 9.49 20.11
CA LYS D 222 10.41 8.90 18.83
C LYS D 222 10.21 9.86 17.67
N LEU D 223 11.19 9.89 16.77
CA LEU D 223 11.17 10.77 15.61
C LEU D 223 11.03 10.07 14.27
N SER D 224 10.06 10.51 13.48
CA SER D 224 9.86 9.92 12.17
C SER D 224 9.98 11.06 11.16
N CYS D 225 10.34 10.72 9.94
CA CYS D 225 10.54 11.73 8.92
C CYS D 225 9.97 11.32 7.57
N ILE D 226 9.37 12.28 6.87
CA ILE D 226 8.84 12.03 5.54
C ILE D 226 9.60 12.92 4.57
N MET D 227 10.07 12.32 3.49
CA MET D 227 10.81 13.07 2.50
C MET D 227 10.13 12.88 1.17
N TYR D 228 9.78 13.99 0.51
CA TYR D 228 9.16 13.92 -0.79
C TYR D 228 10.18 14.20 -1.89
N GLN D 229 10.31 13.27 -2.82
CA GLN D 229 11.26 13.43 -3.93
C GLN D 229 10.47 13.62 -5.23
N ARG D 230 10.72 14.72 -5.93
CA ARG D 230 10.02 15.00 -7.17
C ARG D 230 10.50 14.12 -8.33
N SER D 231 11.80 13.84 -8.36
CA SER D 231 12.39 13.03 -9.41
C SER D 231 13.25 11.94 -8.77
N CYS D 232 12.95 10.69 -9.11
CA CYS D 232 13.67 9.55 -8.53
C CYS D 232 14.26 8.60 -9.55
N ASP D 233 15.57 8.49 -9.55
CA ASP D 233 16.25 7.58 -10.46
C ASP D 233 16.44 6.33 -9.62
N LEU D 234 15.55 5.36 -9.82
CA LEU D 234 15.59 4.12 -9.06
C LEU D 234 16.91 3.35 -9.14
N GLY D 235 17.50 3.30 -10.33
CA GLY D 235 18.74 2.58 -10.52
C GLY D 235 19.95 3.13 -9.78
N LEU D 236 20.15 4.44 -9.86
CA LEU D 236 21.29 5.08 -9.20
C LEU D 236 20.98 5.93 -7.98
N GLY D 237 20.06 6.88 -8.15
CA GLY D 237 19.73 7.78 -7.07
C GLY D 237 19.11 7.28 -5.80
N VAL D 238 17.89 6.76 -5.90
CA VAL D 238 17.14 6.28 -4.76
C VAL D 238 17.91 5.53 -3.67
N PRO D 239 18.77 4.57 -4.05
CA PRO D 239 19.52 3.85 -3.02
C PRO D 239 20.25 4.81 -2.07
N PHE D 240 20.93 5.79 -2.66
CA PHE D 240 21.68 6.79 -1.89
C PHE D 240 20.73 7.72 -1.13
N ASN D 241 19.62 8.07 -1.76
CA ASN D 241 18.66 8.96 -1.14
C ASN D 241 18.12 8.35 0.14
N ILE D 242 17.87 7.04 0.11
CA ILE D 242 17.36 6.36 1.28
C ILE D 242 18.38 6.47 2.41
N ALA D 243 19.63 6.15 2.10
CA ALA D 243 20.68 6.22 3.11
C ALA D 243 20.88 7.64 3.64
N SER D 244 20.98 8.61 2.73
CA SER D 244 21.18 10.00 3.14
C SER D 244 20.18 10.48 4.16
N TYR D 245 18.89 10.36 3.86
CA TYR D 245 17.87 10.82 4.77
C TYR D 245 17.68 9.92 5.99
N SER D 246 18.11 8.67 5.90
CA SER D 246 17.99 7.81 7.07
C SER D 246 19.02 8.35 8.07
N ILE D 247 20.21 8.65 7.58
CA ILE D 247 21.30 9.18 8.40
C ILE D 247 20.88 10.51 9.02
N PHE D 248 20.31 11.38 8.19
CA PHE D 248 19.86 12.71 8.63
C PHE D 248 18.81 12.58 9.74
N THR D 249 17.98 11.53 9.66
CA THR D 249 16.94 11.32 10.66
C THR D 249 17.58 10.94 12.00
N HIS D 250 18.61 10.11 11.97
CA HIS D 250 19.33 9.71 13.19
C HIS D 250 19.94 10.98 13.78
N MET D 251 20.59 11.75 12.93
CA MET D 251 21.23 12.98 13.35
C MET D 251 20.24 13.89 14.08
N ILE D 252 19.15 14.26 13.41
CA ILE D 252 18.17 15.14 14.04
C ILE D 252 17.66 14.54 15.35
N ALA D 253 17.36 13.25 15.29
CA ALA D 253 16.84 12.54 16.45
C ALA D 253 17.80 12.63 17.62
N GLN D 254 19.09 12.39 17.35
CA GLN D 254 20.06 12.41 18.43
C GLN D 254 20.28 13.76 19.07
N VAL D 255 20.34 14.82 18.27
CA VAL D 255 20.58 16.16 18.82
C VAL D 255 19.34 16.71 19.48
N CYS D 256 18.26 15.94 19.41
CA CYS D 256 16.99 16.33 20.02
C CYS D 256 16.61 15.34 21.11
N ASN D 257 17.54 14.45 21.41
CA ASN D 257 17.35 13.44 22.44
C ASN D 257 16.09 12.62 22.23
N LEU D 258 15.92 12.13 21.00
CA LEU D 258 14.79 11.30 20.65
C LEU D 258 15.35 10.05 19.99
N GLN D 259 14.52 9.04 19.83
CA GLN D 259 14.97 7.83 19.17
C GLN D 259 14.39 7.89 17.76
N PRO D 260 15.18 7.55 16.74
CA PRO D 260 14.62 7.60 15.39
C PRO D 260 13.64 6.46 15.24
N ALA D 261 12.54 6.72 14.53
CA ALA D 261 11.53 5.69 14.30
C ALA D 261 11.48 5.27 12.82
N GLN D 262 10.63 5.94 12.04
CA GLN D 262 10.49 5.62 10.64
C GLN D 262 11.02 6.70 9.71
N PHE D 263 11.43 6.27 8.53
CA PHE D 263 11.85 7.19 7.49
C PHE D 263 10.91 6.82 6.35
N ILE D 264 10.04 7.76 5.99
CA ILE D 264 9.08 7.53 4.93
C ILE D 264 9.54 8.25 3.69
N HIS D 265 9.60 7.50 2.59
CA HIS D 265 10.07 7.99 1.30
C HIS D 265 8.93 8.05 0.30
N VAL D 266 8.59 9.25 -0.15
CA VAL D 266 7.51 9.44 -1.10
C VAL D 266 8.13 9.77 -2.46
N LEU D 267 7.92 8.89 -3.44
CA LEU D 267 8.48 9.10 -4.76
C LEU D 267 7.45 9.76 -5.66
N GLY D 268 7.89 10.81 -6.36
CA GLY D 268 7.00 11.52 -7.27
C GLY D 268 7.15 10.86 -8.62
N ASN D 269 7.97 11.45 -9.50
CA ASN D 269 8.18 10.85 -10.82
C ASN D 269 9.24 9.76 -10.58
N ALA D 270 8.79 8.51 -10.62
CA ALA D 270 9.70 7.37 -10.39
C ALA D 270 10.05 6.73 -11.72
N HIS D 271 11.32 6.77 -12.07
CA HIS D 271 11.76 6.20 -13.33
C HIS D 271 12.98 5.28 -13.26
N VAL D 272 13.05 4.40 -14.24
CA VAL D 272 14.16 3.48 -14.40
C VAL D 272 14.72 3.80 -15.78
N TYR D 273 15.95 4.31 -15.84
CA TYR D 273 16.56 4.61 -17.13
C TYR D 273 16.69 3.29 -17.90
N ASN D 274 16.46 3.33 -19.21
CA ASN D 274 16.55 2.11 -20.01
C ASN D 274 17.90 1.41 -19.94
N ASN D 275 18.97 2.19 -19.85
CA ASN D 275 20.31 1.63 -19.77
C ASN D 275 20.63 1.09 -18.39
N HIS D 276 19.60 0.83 -17.58
CA HIS D 276 19.80 0.30 -16.23
C HIS D 276 19.08 -1.03 -16.08
N ILE D 277 18.15 -1.31 -17.00
CA ILE D 277 17.36 -2.53 -16.95
C ILE D 277 18.14 -3.84 -16.79
N ASP D 278 19.08 -4.12 -17.69
CA ASP D 278 19.85 -5.35 -17.61
C ASP D 278 20.52 -5.56 -16.27
N SER D 279 20.95 -4.47 -15.63
CA SER D 279 21.60 -4.59 -14.34
C SER D 279 20.56 -4.79 -13.24
N LEU D 280 19.50 -4.00 -13.28
CA LEU D 280 18.45 -4.13 -12.28
C LEU D 280 17.88 -5.54 -12.31
N LYS D 281 17.79 -6.14 -13.51
CA LYS D 281 17.28 -7.50 -13.62
C LYS D 281 18.18 -8.44 -12.84
N ILE D 282 19.49 -8.26 -12.98
CA ILE D 282 20.45 -9.08 -12.27
C ILE D 282 20.29 -8.87 -10.75
N GLN D 283 19.91 -7.65 -10.36
CA GLN D 283 19.76 -7.31 -8.95
C GLN D 283 18.48 -7.86 -8.33
N LEU D 284 17.40 -7.81 -9.10
CA LEU D 284 16.11 -8.27 -8.65
C LEU D 284 16.12 -9.75 -8.29
N ASN D 285 17.13 -10.47 -8.77
CA ASN D 285 17.24 -11.88 -8.51
C ASN D 285 18.24 -12.24 -7.42
N ARG D 286 18.62 -11.24 -6.64
CA ARG D 286 19.54 -11.48 -5.54
C ARG D 286 18.74 -11.35 -4.26
N ILE D 287 18.96 -12.29 -3.35
CA ILE D 287 18.25 -12.29 -2.08
C ILE D 287 18.95 -11.39 -1.06
N PRO D 288 18.21 -10.44 -0.49
CA PRO D 288 18.74 -9.50 0.52
C PRO D 288 19.34 -10.17 1.74
N TYR D 289 20.33 -9.51 2.33
CA TYR D 289 20.98 -9.99 3.54
C TYR D 289 20.45 -9.13 4.68
N PRO D 290 20.52 -9.63 5.92
CA PRO D 290 20.02 -8.75 6.98
C PRO D 290 20.74 -7.40 6.90
N PHE D 291 20.00 -6.32 7.09
CA PHE D 291 20.56 -4.97 7.04
C PHE D 291 21.61 -4.75 8.12
N PRO D 292 22.47 -3.74 7.91
CA PRO D 292 23.52 -3.38 8.86
C PRO D 292 22.92 -2.43 9.88
N THR D 293 23.76 -1.66 10.56
CA THR D 293 23.28 -0.69 11.52
C THR D 293 24.19 0.53 11.48
N LEU D 294 23.67 1.66 11.94
CA LEU D 294 24.44 2.88 11.96
C LEU D 294 24.73 3.28 13.40
N LYS D 295 25.99 3.60 13.67
CA LYS D 295 26.38 4.04 14.99
C LYS D 295 26.86 5.49 14.87
N LEU D 296 26.24 6.38 15.64
CA LEU D 296 26.64 7.78 15.63
C LEU D 296 27.35 8.08 16.95
N ASN D 297 28.47 8.79 16.86
CA ASN D 297 29.22 9.18 18.05
C ASN D 297 28.18 9.82 18.97
N PRO D 298 28.00 9.26 20.18
CA PRO D 298 27.05 9.72 21.21
C PRO D 298 27.23 11.14 21.70
N ASP D 299 28.49 11.57 21.83
CA ASP D 299 28.80 12.91 22.32
C ASP D 299 28.13 14.04 21.52
N ILE D 300 28.17 13.95 20.20
CA ILE D 300 27.58 14.98 19.34
C ILE D 300 26.13 15.29 19.72
N LYS D 301 25.89 16.53 20.12
CA LYS D 301 24.55 16.96 20.51
C LYS D 301 24.07 18.21 19.78
N ASN D 302 24.89 18.73 18.87
CA ASN D 302 24.49 19.91 18.10
C ASN D 302 24.58 19.48 16.64
N ILE D 303 23.52 19.77 15.88
CA ILE D 303 23.48 19.36 14.48
C ILE D 303 24.69 19.82 13.66
N GLU D 304 25.33 20.89 14.11
CA GLU D 304 26.48 21.43 13.40
C GLU D 304 27.84 20.83 13.82
N ASP D 305 27.86 19.99 14.86
CA ASP D 305 29.11 19.40 15.34
C ASP D 305 29.53 18.04 14.76
N PHE D 306 28.78 17.51 13.81
CA PHE D 306 29.16 16.22 13.23
C PHE D 306 30.36 16.32 12.29
N THR D 307 31.13 15.24 12.24
CA THR D 307 32.28 15.15 11.36
C THR D 307 32.25 13.75 10.80
N ILE D 308 33.00 13.51 9.74
CA ILE D 308 33.01 12.21 9.10
C ILE D 308 33.33 11.02 10.03
N SER D 309 34.19 11.25 11.01
CA SER D 309 34.57 10.15 11.90
C SER D 309 33.45 9.74 12.85
N ASP D 310 32.42 10.57 12.96
CA ASP D 310 31.31 10.26 13.87
C ASP D 310 30.25 9.29 13.33
N PHE D 311 30.43 8.83 12.09
CA PHE D 311 29.48 7.90 11.49
C PHE D 311 30.15 6.55 11.23
N THR D 312 29.51 5.47 11.68
CA THR D 312 30.04 4.13 11.47
C THR D 312 28.94 3.19 11.03
N ILE D 313 29.21 2.43 9.99
CA ILE D 313 28.26 1.44 9.49
C ILE D 313 28.81 0.10 9.99
N GLN D 314 27.94 -0.70 10.61
CA GLN D 314 28.38 -1.99 11.14
C GLN D 314 27.67 -3.18 10.54
N ASN D 315 28.42 -4.28 10.37
CA ASN D 315 27.87 -5.51 9.83
C ASN D 315 27.17 -5.34 8.48
N TYR D 316 27.80 -4.62 7.56
CA TYR D 316 27.19 -4.44 6.26
C TYR D 316 27.55 -5.61 5.33
N VAL D 317 26.66 -6.60 5.30
CA VAL D 317 26.80 -7.78 4.46
C VAL D 317 26.09 -7.43 3.16
N HIS D 318 26.78 -7.55 2.04
CA HIS D 318 26.21 -7.18 0.76
C HIS D 318 26.63 -8.07 -0.40
N HIS D 319 25.94 -7.90 -1.51
CA HIS D 319 26.26 -8.63 -2.73
C HIS D 319 27.34 -7.78 -3.39
N GLU D 320 27.93 -8.28 -4.47
CA GLU D 320 28.98 -7.53 -5.13
C GLU D 320 28.45 -6.28 -5.82
N LYS D 321 29.37 -5.45 -6.29
CA LYS D 321 29.04 -4.20 -6.97
C LYS D 321 28.32 -4.49 -8.27
N ILE D 322 27.61 -3.48 -8.76
CA ILE D 322 26.88 -3.59 -10.01
C ILE D 322 26.88 -2.24 -10.71
N SER D 323 27.59 -2.16 -11.82
CA SER D 323 27.61 -0.91 -12.60
C SER D 323 26.27 -0.87 -13.30
N MET D 324 25.47 0.14 -12.98
CA MET D 324 24.16 0.25 -13.60
C MET D 324 24.25 0.49 -15.10
N ASP D 325 25.39 1.02 -15.55
CA ASP D 325 25.63 1.30 -16.97
C ASP D 325 26.55 0.26 -17.61
N MET D 326 26.43 -1.01 -17.19
CA MET D 326 27.27 -2.07 -17.73
C MET D 326 27.12 -2.18 -19.25
#